data_4K8X
#
_entry.id   4K8X
#
_cell.length_a   112.215
_cell.length_b   142.616
_cell.length_c   66.702
_cell.angle_alpha   90.00
_cell.angle_beta   90.00
_cell.angle_gamma   90.00
#
_symmetry.space_group_name_H-M   'P 21 21 2'
#
loop_
_entity.id
_entity.type
_entity.pdbx_description
1 polymer 'DNA polymerase'
2 polymer "DNA (5'-D(P*AP*AP*AP*GP*GP*CP*GP*CP*AP*GP*TP*TP*CP*GP*CP*G)-3')"
3 polymer "DNA (5'-D(*CP*GP*CP*GP*AP*AP*CP*TP*GP*CP*GP*(DOC))-3')"
4 non-polymer 'SULFATE ION'
5 non-polymer 'CHLORIDE ION'
6 non-polymer '1-(3-hydroxypropyl)-2-{(1E,3E,5E)-5-[1-(3-hydroxypropyl)-3,3-dimethyl-1,3-dihydro-2H-indol-2-ylidene]penta-1,3-dien-1-y l}-3,3-dimethyl-3H-indolium'
7 non-polymer 1,2-ETHANEDIOL
8 water water
#
loop_
_entity_poly.entity_id
_entity_poly.type
_entity_poly.pdbx_seq_one_letter_code
_entity_poly.pdbx_strand_id
1 'polypeptide(L)'
;MILDTDYITENGKPVIRVFKKENGEFKIEYDRTFEPYFYALLKDDSAIEDVKKVTAKRHGTVVKVKRAEKVQKKFLGRPI
EVWKLYFNHPQDVPAIRDRIRAHPAVVDIYEYDIPFAKRYLIDKGLIPMEGDEELTMLAFAIATLYHEGEEFGTGPILMI
SYADGSEARVITWKKIDLPYVDVVSTEKEMIKRFLRVVREKDPDVLITYNGDNFDFAYLKKRCEELGIKFTLGRDGSEPK
IQRMGDRFAVEVKGRIHFDLYPVIRRTINLPTYTLEAVYEAVFGKPKEKVYAEEIAQAWESGEGLERVARYSMEDAKVTY
ELGREFFPMEAQLSRLIGQSLWDVSRSSTGNLVEWFLLRKAYKRNELAPNKPDERELARRRGGYAGGYVKEPERGLWDNI
VYLDFRSLYPSIIITHNVSPDTLNREGCKEYDVAPEVGHKFCKDFPGFIPSLLGDLLEERQKIKRKMKATVDPLEKKLLD
YRQRAIKILANSFYGYYGYAKARWYCKECAESVTAWGREYIEMVIRELEEKFGFKVLYADTDGLHATIPGADAETVKKKA
KEFLKYINPKLPGLLELEYEGFYVRGFFVTKKKYAVIDEEGKITTRGLEIVRRDWSEIAKETQARVLEAILKHGDVEEAV
RIVKEVTEKLSKYEVPPEKLVIHEQITRDLRDYKATGPHVAVAKRLAARGVKIRPGTVISYIVLKGSGRIGDRAIPADEF
DPTKHRYDAEYYIENQVLPAVERILKAFGYRKEDLRYQKTKQVGLGAWLKVKGKK
;
A
2 'polydeoxyribonucleotide' (DA)(DA)(DA)(DG)(DG)(DC)(DG)(DC)(DA)(DG)(DT)(DT)(DC)(DG)(DC)(DG) T
3 'polydeoxyribonucleotide' (DC)(DG)(DC)(DG)(DA)(DA)(DC)(DT)(DG)(DC)(DG)(DOC) P
#
loop_
_chem_comp.id
_chem_comp.type
_chem_comp.name
_chem_comp.formula
5CY non-polymer '1-(3-hydroxypropyl)-2-{(1E,3E,5E)-5-[1-(3-hydroxypropyl)-3,3-dimethyl-1,3-dihydro-2H-indol-2-ylidene]penta-1,3-dien-1-y l}-3,3-dimethyl-3H-indolium' 'C31 H39 N2 O2 1'
CL non-polymer 'CHLORIDE ION' 'Cl -1'
DA DNA linking 2'-DEOXYADENOSINE-5'-MONOPHOSPHATE 'C10 H14 N5 O6 P'
DC DNA linking 2'-DEOXYCYTIDINE-5'-MONOPHOSPHATE 'C9 H14 N3 O7 P'
DG DNA linking 2'-DEOXYGUANOSINE-5'-MONOPHOSPHATE 'C10 H14 N5 O7 P'
DOC DNA linking 2',3'-DIDEOXYCYTIDINE-5'-MONOPHOSPHATE 'C9 H14 N3 O6 P'
DT DNA linking THYMIDINE-5'-MONOPHOSPHATE 'C10 H15 N2 O8 P'
EDO non-polymer 1,2-ETHANEDIOL 'C2 H6 O2'
SO4 non-polymer 'SULFATE ION' 'O4 S -2'
#
# COMPACT_ATOMS: atom_id res chain seq x y z
N MET A 1 10.80 15.16 -19.69
CA MET A 1 10.28 14.58 -18.45
C MET A 1 11.41 13.96 -17.63
N ILE A 2 11.57 14.38 -16.38
CA ILE A 2 12.56 13.77 -15.50
C ILE A 2 12.10 12.40 -15.02
N LEU A 3 12.97 11.39 -15.18
CA LEU A 3 12.68 10.05 -14.73
C LEU A 3 13.24 9.82 -13.34
N ASP A 4 14.55 9.97 -13.21
CA ASP A 4 15.19 9.69 -11.94
C ASP A 4 16.53 10.44 -11.82
N THR A 5 17.14 10.34 -10.64
CA THR A 5 18.47 10.87 -10.42
C THR A 5 19.32 9.85 -9.71
N ASP A 6 20.63 9.94 -9.94
CA ASP A 6 21.59 9.32 -9.05
C ASP A 6 22.87 10.16 -9.07
N TYR A 7 23.94 9.65 -8.48
CA TYR A 7 25.26 10.23 -8.70
C TYR A 7 26.32 9.15 -8.94
N ILE A 8 27.39 9.54 -9.62
CA ILE A 8 28.58 8.71 -9.75
C ILE A 8 29.72 9.60 -9.31
N THR A 9 30.91 9.02 -9.15
CA THR A 9 32.07 9.75 -8.68
C THR A 9 33.14 9.77 -9.75
N GLU A 10 33.61 10.96 -10.12
CA GLU A 10 34.70 11.11 -11.06
C GLU A 10 35.80 11.84 -10.32
N ASN A 11 36.99 11.24 -10.29
CA ASN A 11 38.15 11.82 -9.61
C ASN A 11 37.85 12.29 -8.16
N GLY A 12 37.08 11.51 -7.43
CA GLY A 12 36.79 11.82 -6.05
C GLY A 12 35.56 12.69 -5.86
N LYS A 13 35.11 13.32 -6.93
CA LYS A 13 34.03 14.32 -6.88
C LYS A 13 32.67 13.77 -7.34
N PRO A 14 31.58 14.10 -6.61
CA PRO A 14 30.24 13.64 -6.97
C PRO A 14 29.75 14.29 -8.24
N VAL A 15 29.07 13.56 -9.11
CA VAL A 15 28.52 14.12 -10.32
C VAL A 15 27.09 13.63 -10.38
N ILE A 16 26.14 14.54 -10.22
CA ILE A 16 24.73 14.16 -10.30
C ILE A 16 24.42 13.76 -11.72
N ARG A 17 23.63 12.71 -11.88
CA ARG A 17 23.08 12.38 -13.19
C ARG A 17 21.57 12.48 -13.16
N VAL A 18 21.01 13.30 -14.04
CA VAL A 18 19.56 13.37 -14.19
C VAL A 18 19.12 12.63 -15.44
N PHE A 19 18.33 11.57 -15.27
CA PHE A 19 17.86 10.74 -16.39
C PHE A 19 16.54 11.26 -16.96
N LYS A 20 16.53 11.75 -18.19
CA LYS A 20 15.28 12.26 -18.73
C LYS A 20 14.91 11.68 -20.09
N LYS A 21 13.64 11.81 -20.43
CA LYS A 21 13.12 11.44 -21.73
C LYS A 21 12.53 12.71 -22.33
N GLU A 22 13.23 13.32 -23.28
CA GLU A 22 12.75 14.55 -23.89
C GLU A 22 12.59 14.38 -25.38
N ASN A 23 11.38 14.68 -25.87
CA ASN A 23 11.05 14.59 -27.29
C ASN A 23 11.41 13.24 -27.91
N GLY A 24 11.01 12.16 -27.25
CA GLY A 24 11.25 10.83 -27.76
C GLY A 24 12.66 10.32 -27.53
N GLU A 25 13.51 11.13 -26.92
CA GLU A 25 14.90 10.76 -26.73
C GLU A 25 15.33 10.68 -25.27
N PHE A 26 16.03 9.62 -24.92
CA PHE A 26 16.59 9.49 -23.59
C PHE A 26 17.83 10.38 -23.46
N LYS A 27 17.89 11.17 -22.40
CA LYS A 27 19.01 12.09 -22.21
C LYS A 27 19.57 11.94 -20.80
N ILE A 28 20.87 12.17 -20.67
CA ILE A 28 21.47 12.21 -19.35
C ILE A 28 22.12 13.58 -19.16
N GLU A 29 21.69 14.32 -18.15
CA GLU A 29 22.33 15.59 -17.85
C GLU A 29 23.25 15.38 -16.63
N TYR A 30 24.37 16.08 -16.59
CA TYR A 30 25.31 15.94 -15.48
C TYR A 30 25.39 17.22 -14.67
N ASP A 31 25.51 17.11 -13.36
CA ASP A 31 25.71 18.29 -12.51
C ASP A 31 26.85 18.05 -11.55
N ARG A 32 27.92 18.80 -11.75
CA ARG A 32 29.12 18.57 -10.95
C ARG A 32 29.29 19.63 -9.88
N THR A 33 28.41 20.63 -9.89
CA THR A 33 28.51 21.75 -8.96
C THR A 33 27.71 21.60 -7.65
N PHE A 34 27.05 20.46 -7.46
CA PHE A 34 26.15 20.26 -6.31
C PHE A 34 26.86 19.77 -5.05
N GLU A 35 26.75 20.53 -3.94
CA GLU A 35 27.50 20.20 -2.74
C GLU A 35 26.63 19.61 -1.64
N PRO A 36 27.04 18.45 -1.11
CA PRO A 36 26.28 17.86 -0.01
C PRO A 36 26.47 18.66 1.28
N TYR A 37 25.52 18.57 2.20
CA TYR A 37 25.56 19.37 3.44
C TYR A 37 24.65 18.82 4.52
N PHE A 38 24.97 19.16 5.77
CA PHE A 38 23.96 19.09 6.83
C PHE A 38 24.13 20.29 7.74
N TYR A 39 23.19 20.46 8.68
CA TYR A 39 23.20 21.65 9.52
C TYR A 39 23.61 21.28 10.91
N ALA A 40 24.25 22.25 11.58
CA ALA A 40 24.67 22.10 12.97
C ALA A 40 24.21 23.28 13.82
N LEU A 41 23.59 22.97 14.94
CA LEU A 41 23.24 23.98 15.92
C LEU A 41 24.36 24.09 16.98
N LEU A 42 25.03 25.22 17.02
CA LEU A 42 26.12 25.44 17.97
C LEU A 42 25.69 26.19 19.25
N LYS A 43 26.49 26.09 20.30
CA LYS A 43 26.32 26.92 21.48
C LYS A 43 26.79 28.35 21.19
N ASP A 44 28.10 28.50 20.99
CA ASP A 44 28.68 29.77 20.57
C ASP A 44 29.05 29.68 19.10
N ASP A 45 28.94 30.80 18.38
CA ASP A 45 29.36 30.85 16.99
C ASP A 45 30.87 30.73 16.87
N SER A 46 31.59 31.18 17.90
CA SER A 46 33.04 31.10 17.91
C SER A 46 33.53 29.65 17.86
N ALA A 47 32.63 28.70 18.10
CA ALA A 47 32.98 27.29 18.12
C ALA A 47 33.10 26.69 16.72
N ILE A 48 32.69 27.43 15.70
CA ILE A 48 32.65 26.91 14.34
C ILE A 48 34.04 26.46 13.83
N GLU A 49 35.09 27.08 14.36
CA GLU A 49 36.44 26.80 13.91
C GLU A 49 36.92 25.46 14.41
N ASP A 50 36.59 25.11 15.64
CA ASP A 50 36.96 23.80 16.18
C ASP A 50 36.15 22.69 15.52
N VAL A 51 34.96 23.04 15.04
CA VAL A 51 34.10 22.11 14.32
C VAL A 51 34.69 21.77 12.94
N LYS A 52 35.29 22.75 12.28
CA LYS A 52 35.93 22.54 11.00
C LYS A 52 37.22 21.73 11.13
N LYS A 53 37.80 21.75 12.32
CA LYS A 53 39.04 21.04 12.62
C LYS A 53 38.76 19.56 12.79
N VAL A 54 37.48 19.21 12.87
CA VAL A 54 37.04 17.82 13.00
C VAL A 54 37.25 16.98 11.72
N THR A 55 37.78 15.77 11.89
CA THR A 55 38.08 14.89 10.76
C THR A 55 37.51 13.49 10.93
N ALA A 56 37.41 12.77 9.82
CA ALA A 56 36.98 11.37 9.81
C ALA A 56 37.64 10.63 8.65
N LYS A 57 37.48 9.30 8.63
CA LYS A 57 38.14 8.45 7.62
C LYS A 57 37.15 7.76 6.66
N ARG A 58 37.40 7.87 5.36
CA ARG A 58 36.58 7.17 4.38
C ARG A 58 37.49 6.32 3.53
N HIS A 59 37.41 5.01 3.74
CA HIS A 59 38.31 4.08 3.07
CA HIS A 59 38.33 4.05 3.11
C HIS A 59 39.75 4.58 3.14
N GLY A 60 40.19 4.95 4.35
CA GLY A 60 41.56 5.37 4.55
C GLY A 60 41.85 6.83 4.26
N THR A 61 40.99 7.48 3.47
CA THR A 61 41.13 8.93 3.23
C THR A 61 40.47 9.80 4.32
N VAL A 62 41.12 10.91 4.63
CA VAL A 62 40.65 11.83 5.66
C VAL A 62 39.61 12.79 5.09
N VAL A 63 38.42 12.74 5.66
CA VAL A 63 37.35 13.65 5.27
C VAL A 63 37.25 14.84 6.23
N LYS A 64 37.03 16.01 5.65
CA LYS A 64 36.94 17.20 6.44
C LYS A 64 35.73 18.03 5.99
N VAL A 65 35.39 19.04 6.78
CA VAL A 65 34.40 20.02 6.37
C VAL A 65 35.02 20.85 5.26
N LYS A 66 34.35 20.91 4.11
CA LYS A 66 34.81 21.76 3.01
C LYS A 66 34.69 23.23 3.39
N ARG A 67 33.50 23.63 3.81
CA ARG A 67 33.25 25.02 4.23
C ARG A 67 31.96 25.10 5.02
N ALA A 68 31.80 26.17 5.79
CA ALA A 68 30.58 26.38 6.57
C ALA A 68 30.06 27.79 6.43
N GLU A 69 28.75 27.93 6.50
CA GLU A 69 28.13 29.26 6.42
C GLU A 69 26.93 29.37 7.34
N LYS A 70 26.91 30.42 8.14
CA LYS A 70 25.83 30.62 9.11
C LYS A 70 24.59 30.98 8.35
N VAL A 71 23.49 30.28 8.60
CA VAL A 71 22.22 30.57 7.93
C VAL A 71 21.07 30.85 8.92
N GLN A 72 20.07 31.63 8.50
CA GLN A 72 18.88 31.89 9.33
C GLN A 72 17.71 31.03 8.87
N LYS A 73 17.14 30.22 9.77
CA LYS A 73 16.05 29.33 9.37
C LYS A 73 14.85 29.37 10.32
N LYS A 74 13.79 28.65 9.95
CA LYS A 74 12.70 28.44 10.87
C LYS A 74 12.67 26.99 11.37
N PHE A 75 12.45 26.82 12.67
CA PHE A 75 12.26 25.48 13.21
C PHE A 75 10.93 25.39 13.96
N LEU A 76 9.98 24.69 13.34
CA LEU A 76 8.61 24.64 13.80
C LEU A 76 8.08 26.06 13.89
N GLY A 77 8.38 26.86 12.87
CA GLY A 77 7.93 28.24 12.81
C GLY A 77 8.75 29.28 13.57
N ARG A 78 9.50 28.82 14.57
CA ARG A 78 10.36 29.70 15.37
C ARG A 78 11.68 29.94 14.66
N PRO A 79 12.19 31.17 14.74
CA PRO A 79 13.49 31.52 14.17
C PRO A 79 14.60 30.67 14.76
N ILE A 80 15.56 30.23 13.93
CA ILE A 80 16.70 29.46 14.39
C ILE A 80 17.94 29.79 13.55
N GLU A 81 19.07 29.82 14.21
CA GLU A 81 20.31 30.16 13.55
C GLU A 81 21.22 28.94 13.60
N VAL A 82 21.47 28.30 12.45
CA VAL A 82 22.34 27.13 12.37
C VAL A 82 23.48 27.29 11.36
N TRP A 83 24.51 26.44 11.46
CA TRP A 83 25.62 26.46 10.53
C TRP A 83 25.45 25.38 9.49
N LYS A 84 25.36 25.79 8.24
CA LYS A 84 25.34 24.84 7.13
C LYS A 84 26.77 24.30 6.88
N LEU A 85 26.98 22.99 7.03
CA LEU A 85 28.30 22.39 6.80
C LEU A 85 28.34 21.70 5.45
N TYR A 86 29.24 22.16 4.58
CA TYR A 86 29.38 21.61 3.23
C TYR A 86 30.51 20.60 3.19
N PHE A 87 30.35 19.54 2.38
CA PHE A 87 31.43 18.55 2.21
C PHE A 87 31.75 18.32 0.74
N ASN A 88 32.86 17.65 0.47
CA ASN A 88 33.24 17.40 -0.92
C ASN A 88 32.44 16.27 -1.55
N HIS A 89 32.24 15.20 -0.79
CA HIS A 89 31.50 14.03 -1.24
C HIS A 89 30.36 13.69 -0.29
N PRO A 90 29.20 13.34 -0.84
CA PRO A 90 28.09 12.96 0.04
C PRO A 90 28.45 11.81 0.98
N GLN A 91 29.41 10.96 0.62
CA GLN A 91 29.78 9.87 1.50
C GLN A 91 30.57 10.34 2.71
N ASP A 92 31.08 11.57 2.66
CA ASP A 92 31.70 12.16 3.83
C ASP A 92 30.73 12.30 5.01
N VAL A 93 29.47 12.60 4.71
CA VAL A 93 28.50 12.84 5.78
C VAL A 93 28.33 11.70 6.82
N PRO A 94 27.95 10.47 6.37
CA PRO A 94 27.82 9.37 7.34
C PRO A 94 29.10 9.15 8.11
N ALA A 95 30.24 9.34 7.44
CA ALA A 95 31.54 9.13 8.03
C ALA A 95 31.88 10.08 9.15
N ILE A 96 31.42 11.32 9.02
CA ILE A 96 31.87 12.38 9.91
C ILE A 96 30.78 12.96 10.84
N ARG A 97 29.50 12.71 10.52
CA ARG A 97 28.42 13.35 11.27
C ARG A 97 28.38 12.99 12.77
N ASP A 98 28.66 11.73 13.10
CA ASP A 98 28.63 11.28 14.49
C ASP A 98 29.64 12.02 15.36
N ARG A 99 30.82 12.30 14.81
CA ARG A 99 31.90 12.91 15.54
C ARG A 99 31.63 14.41 15.70
N ILE A 100 30.92 14.97 14.74
CA ILE A 100 30.49 16.36 14.86
C ILE A 100 29.38 16.54 15.90
N ARG A 101 28.35 15.71 15.85
CA ARG A 101 27.32 15.70 16.88
C ARG A 101 27.93 15.52 18.27
N ALA A 102 28.94 14.66 18.38
CA ALA A 102 29.56 14.38 19.67
C ALA A 102 30.27 15.62 20.26
N HIS A 103 30.66 16.53 19.39
CA HIS A 103 31.42 17.71 19.82
C HIS A 103 30.66 18.52 20.89
N PRO A 104 31.39 18.97 21.94
CA PRO A 104 30.80 19.63 23.11
C PRO A 104 30.10 20.95 22.79
N ALA A 105 30.39 21.52 21.63
CA ALA A 105 29.83 22.81 21.24
C ALA A 105 28.59 22.64 20.38
N VAL A 106 28.32 21.40 19.97
CA VAL A 106 27.25 21.14 19.02
C VAL A 106 26.03 20.63 19.76
N VAL A 107 25.02 21.49 19.84
CA VAL A 107 23.76 21.19 20.50
C VAL A 107 23.05 20.06 19.77
N ASP A 108 22.93 20.17 18.45
CA ASP A 108 22.37 19.10 17.65
C ASP A 108 22.75 19.21 16.18
N ILE A 109 22.38 18.21 15.37
CA ILE A 109 22.60 18.31 13.92
C ILE A 109 21.33 17.94 13.17
N TYR A 110 21.17 18.47 11.94
CA TYR A 110 19.95 18.23 11.16
C TYR A 110 20.19 17.85 9.69
N GLU A 111 19.26 17.14 9.07
CA GLU A 111 19.27 16.93 7.62
C GLU A 111 20.59 16.31 7.14
N TYR A 112 20.95 15.20 7.79
CA TYR A 112 22.20 14.53 7.58
C TYR A 112 21.99 13.14 7.02
N ASP A 113 20.73 12.77 6.77
CA ASP A 113 20.44 11.48 6.19
C ASP A 113 19.47 11.61 5.02
N ILE A 114 19.56 12.71 4.30
CA ILE A 114 18.77 12.85 3.08
C ILE A 114 19.65 12.39 1.92
N PRO A 115 19.28 11.31 1.22
CA PRO A 115 20.18 10.79 0.20
C PRO A 115 20.42 11.84 -0.89
N PHE A 116 21.68 11.94 -1.31
CA PHE A 116 22.18 12.98 -2.21
C PHE A 116 21.36 13.21 -3.50
N ALA A 117 20.94 12.13 -4.12
CA ALA A 117 20.17 12.23 -5.33
C ALA A 117 18.79 12.80 -5.04
N LYS A 118 18.25 12.47 -3.88
CA LYS A 118 16.92 12.96 -3.46
C LYS A 118 16.93 14.43 -2.99
N ARG A 119 17.94 14.75 -2.19
CA ARG A 119 18.36 16.11 -1.91
C ARG A 119 18.47 16.99 -3.15
N TYR A 120 18.98 16.43 -4.23
CA TYR A 120 19.17 17.21 -5.45
C TYR A 120 17.81 17.56 -6.03
N LEU A 121 16.95 16.57 -6.15
CA LEU A 121 15.59 16.80 -6.63
C LEU A 121 14.83 17.88 -5.82
N ILE A 122 15.01 17.86 -4.50
CA ILE A 122 14.31 18.78 -3.58
C ILE A 122 14.89 20.18 -3.65
N ASP A 123 16.22 20.31 -3.51
CA ASP A 123 16.93 21.60 -3.51
C ASP A 123 16.85 22.29 -4.87
N LYS A 124 16.81 21.51 -5.95
CA LYS A 124 16.71 22.08 -7.28
C LYS A 124 15.25 22.29 -7.65
N GLY A 125 14.35 21.97 -6.75
CA GLY A 125 12.93 22.05 -7.03
C GLY A 125 12.53 21.36 -8.31
N LEU A 126 13.17 20.23 -8.63
CA LEU A 126 12.84 19.43 -9.82
C LEU A 126 11.74 18.44 -9.51
N ILE A 127 10.84 18.23 -10.47
CA ILE A 127 9.72 17.32 -10.29
C ILE A 127 9.74 16.19 -11.32
N PRO A 128 9.80 14.94 -10.86
CA PRO A 128 9.83 13.83 -11.83
C PRO A 128 8.45 13.64 -12.43
N MET A 129 8.40 13.07 -13.62
CA MET A 129 7.15 12.67 -14.28
C MET A 129 6.24 13.82 -14.72
N GLU A 130 6.80 15.00 -14.89
CA GLU A 130 6.01 16.11 -15.42
C GLU A 130 5.91 16.09 -16.94
N GLY A 131 4.73 16.40 -17.46
CA GLY A 131 4.56 16.53 -18.88
C GLY A 131 3.80 15.37 -19.49
N ASP A 132 3.81 15.30 -20.81
CA ASP A 132 3.02 14.30 -21.52
C ASP A 132 3.90 13.26 -22.23
N GLU A 133 5.20 13.33 -21.97
CA GLU A 133 6.15 12.44 -22.63
C GLU A 133 5.72 10.97 -22.61
N GLU A 134 5.55 10.40 -23.78
CA GLU A 134 5.14 9.00 -23.87
C GLU A 134 6.32 8.06 -23.59
N LEU A 135 6.08 7.06 -22.75
CA LEU A 135 7.13 6.16 -22.33
C LEU A 135 6.89 4.74 -22.82
N THR A 136 7.89 4.17 -23.50
CA THR A 136 7.83 2.77 -23.94
C THR A 136 8.06 1.82 -22.78
N MET A 137 7.29 0.73 -22.75
CA MET A 137 7.36 -0.23 -21.65
C MET A 137 7.58 -1.65 -22.12
N LEU A 138 8.15 -2.46 -21.25
CA LEU A 138 8.30 -3.86 -21.58
C LEU A 138 8.09 -4.67 -20.32
N ALA A 139 7.15 -5.61 -20.39
CA ALA A 139 6.98 -6.57 -19.29
C ALA A 139 7.81 -7.81 -19.56
N PHE A 140 8.21 -8.49 -18.50
CA PHE A 140 8.80 -9.80 -18.67
C PHE A 140 8.57 -10.71 -17.45
N ALA A 141 8.60 -12.01 -17.70
CA ALA A 141 8.46 -13.04 -16.68
C ALA A 141 9.38 -14.20 -17.03
N ILE A 142 9.78 -14.99 -16.03
CA ILE A 142 10.59 -16.17 -16.26
C ILE A 142 9.84 -17.41 -15.74
N ALA A 143 10.21 -18.58 -16.23
CA ALA A 143 9.69 -19.82 -15.69
C ALA A 143 10.87 -20.71 -15.32
N THR A 144 10.88 -21.20 -14.09
CA THR A 144 12.02 -21.97 -13.58
C THR A 144 11.68 -23.44 -13.34
N LEU A 145 12.66 -24.31 -13.56
CA LEU A 145 12.52 -25.72 -13.20
C LEU A 145 12.66 -25.88 -11.69
N TYR A 146 11.62 -26.45 -11.06
CA TYR A 146 11.60 -26.58 -9.60
C TYR A 146 11.33 -28.02 -9.12
N HIS A 147 12.04 -28.41 -8.08
CA HIS A 147 11.78 -29.68 -7.42
C HIS A 147 11.84 -29.50 -5.90
N GLU A 148 11.16 -30.40 -5.20
CA GLU A 148 10.99 -30.32 -3.74
C GLU A 148 12.30 -30.16 -2.97
N GLY A 149 12.42 -29.01 -2.29
CA GLY A 149 13.46 -28.83 -1.30
C GLY A 149 14.74 -28.22 -1.82
N GLU A 150 14.72 -27.81 -3.08
CA GLU A 150 15.92 -27.33 -3.75
C GLU A 150 16.35 -25.94 -3.25
N GLU A 151 17.66 -25.70 -3.26
CA GLU A 151 18.21 -24.37 -2.97
C GLU A 151 17.81 -23.37 -4.07
N PHE A 152 17.72 -22.10 -3.71
CA PHE A 152 17.33 -21.06 -4.66
C PHE A 152 18.35 -20.92 -5.81
N GLY A 153 17.84 -20.87 -7.03
CA GLY A 153 18.66 -20.56 -8.20
C GLY A 153 19.48 -21.68 -8.79
N THR A 154 19.41 -22.87 -8.19
CA THR A 154 20.18 -23.99 -8.71
C THR A 154 19.57 -24.55 -10.01
N GLY A 155 18.26 -24.79 -9.98
CA GLY A 155 17.55 -25.19 -11.18
C GLY A 155 17.64 -24.12 -12.26
N PRO A 156 17.57 -24.54 -13.53
CA PRO A 156 17.75 -23.58 -14.62
C PRO A 156 16.48 -22.80 -14.89
N ILE A 157 16.60 -21.73 -15.68
CA ILE A 157 15.45 -21.02 -16.21
C ILE A 157 15.05 -21.73 -17.49
N LEU A 158 13.77 -22.08 -17.61
CA LEU A 158 13.25 -22.75 -18.78
C LEU A 158 12.74 -21.76 -19.83
N MET A 159 12.15 -20.66 -19.36
CA MET A 159 11.55 -19.70 -20.26
C MET A 159 11.72 -18.28 -19.76
N ILE A 160 11.82 -17.35 -20.69
CA ILE A 160 11.75 -15.95 -20.39
C ILE A 160 10.76 -15.46 -21.43
N SER A 161 9.66 -14.88 -20.96
CA SER A 161 8.62 -14.37 -21.82
C SER A 161 8.63 -12.85 -21.66
N TYR A 162 8.24 -12.11 -22.71
CA TYR A 162 8.20 -10.66 -22.62
C TYR A 162 7.00 -10.14 -23.39
N ALA A 163 6.58 -8.90 -23.13
CA ALA A 163 5.44 -8.31 -23.83
C ALA A 163 5.43 -6.79 -23.78
N ASP A 164 5.01 -6.21 -24.90
CA ASP A 164 4.76 -4.79 -24.95
C ASP A 164 3.47 -4.60 -25.73
N GLY A 165 3.16 -3.38 -26.15
CA GLY A 165 1.90 -3.12 -26.80
C GLY A 165 1.68 -3.91 -28.09
N SER A 166 2.76 -4.41 -28.67
CA SER A 166 2.73 -4.93 -30.03
C SER A 166 2.77 -6.45 -30.08
N GLU A 167 3.35 -7.07 -29.08
CA GLU A 167 3.49 -8.52 -29.12
C GLU A 167 3.78 -9.10 -27.74
N ALA A 168 3.55 -10.40 -27.59
CA ALA A 168 3.97 -11.13 -26.40
C ALA A 168 4.70 -12.40 -26.85
N ARG A 169 6.01 -12.46 -26.67
CA ARG A 169 6.79 -13.62 -27.11
C ARG A 169 7.45 -14.40 -25.96
N VAL A 170 7.84 -15.65 -26.26
CA VAL A 170 8.51 -16.53 -25.31
C VAL A 170 9.83 -17.10 -25.86
N ILE A 171 10.90 -16.99 -25.08
CA ILE A 171 12.18 -17.58 -25.43
C ILE A 171 12.41 -18.83 -24.61
N THR A 172 12.79 -19.92 -25.25
CA THR A 172 12.99 -21.15 -24.52
C THR A 172 13.98 -22.03 -25.27
N TRP A 173 14.53 -23.03 -24.59
CA TRP A 173 15.57 -23.83 -25.20
C TRP A 173 15.17 -25.28 -25.49
N LYS A 174 13.87 -25.54 -25.51
CA LYS A 174 13.37 -26.77 -26.13
C LYS A 174 12.37 -26.38 -27.19
N LYS A 175 12.06 -27.31 -28.08
CA LYS A 175 11.22 -27.04 -29.24
C LYS A 175 9.77 -27.07 -28.82
N ILE A 176 9.08 -25.96 -29.05
CA ILE A 176 7.66 -25.88 -28.76
C ILE A 176 7.01 -25.29 -30.00
N ASP A 177 5.96 -25.94 -30.49
CA ASP A 177 5.40 -25.57 -31.78
C ASP A 177 4.33 -24.49 -31.68
N LEU A 178 4.74 -23.27 -31.34
CA LEU A 178 3.83 -22.13 -31.27
C LEU A 178 4.46 -20.92 -31.96
N PRO A 179 3.64 -20.16 -32.68
CA PRO A 179 4.07 -18.97 -33.44
C PRO A 179 4.83 -17.94 -32.61
N TYR A 180 4.47 -17.83 -31.33
CA TYR A 180 5.07 -16.82 -30.48
C TYR A 180 6.25 -17.33 -29.66
N VAL A 181 6.64 -18.59 -29.89
CA VAL A 181 7.81 -19.17 -29.20
C VAL A 181 9.09 -19.01 -30.02
N ASP A 182 10.15 -18.58 -29.37
CA ASP A 182 11.46 -18.49 -30.01
C ASP A 182 12.34 -19.57 -29.40
N VAL A 183 12.89 -20.44 -30.25
CA VAL A 183 13.67 -21.55 -29.75
C VAL A 183 15.15 -21.29 -29.91
N VAL A 184 15.90 -21.40 -28.82
CA VAL A 184 17.36 -21.33 -28.89
C VAL A 184 17.94 -22.59 -28.27
N SER A 185 19.27 -22.68 -28.25
CA SER A 185 19.93 -23.95 -27.94
C SER A 185 20.14 -24.28 -26.46
N THR A 186 20.43 -23.27 -25.66
CA THR A 186 20.75 -23.47 -24.26
C THR A 186 20.08 -22.41 -23.37
N GLU A 187 20.19 -22.60 -22.06
CA GLU A 187 19.79 -21.61 -21.09
C GLU A 187 20.55 -20.30 -21.30
N LYS A 188 21.87 -20.41 -21.47
CA LYS A 188 22.74 -19.26 -21.70
C LYS A 188 22.27 -18.44 -22.92
N GLU A 189 22.12 -19.11 -24.06
N GLU A 189 22.14 -19.11 -24.07
CA GLU A 189 21.70 -18.43 -25.29
CA GLU A 189 21.67 -18.46 -25.29
C GLU A 189 20.28 -17.84 -25.20
C GLU A 189 20.35 -17.72 -25.06
N MET A 190 19.50 -18.30 -24.21
CA MET A 190 18.16 -17.79 -23.96
C MET A 190 18.20 -16.51 -23.15
N ILE A 191 19.03 -16.53 -22.11
CA ILE A 191 19.28 -15.35 -21.31
C ILE A 191 19.97 -14.28 -22.16
N LYS A 192 20.92 -14.69 -22.98
CA LYS A 192 21.62 -13.77 -23.90
C LYS A 192 20.65 -13.12 -24.89
N ARG A 193 19.69 -13.90 -25.36
CA ARG A 193 18.76 -13.45 -26.37
C ARG A 193 17.74 -12.48 -25.73
N PHE A 194 17.42 -12.71 -24.46
CA PHE A 194 16.54 -11.81 -23.77
C PHE A 194 17.21 -10.45 -23.60
N LEU A 195 18.46 -10.46 -23.13
CA LEU A 195 19.28 -9.25 -23.05
C LEU A 195 19.25 -8.43 -24.34
N ARG A 196 19.47 -9.14 -25.45
CA ARG A 196 19.44 -8.53 -26.77
C ARG A 196 18.07 -7.93 -27.11
N VAL A 197 17.00 -8.57 -26.64
CA VAL A 197 15.65 -8.12 -26.94
C VAL A 197 15.40 -6.80 -26.24
N VAL A 198 15.78 -6.75 -24.96
CA VAL A 198 15.61 -5.56 -24.14
C VAL A 198 16.44 -4.40 -24.67
N ARG A 199 17.71 -4.64 -24.97
CA ARG A 199 18.57 -3.61 -25.52
C ARG A 199 18.00 -3.07 -26.83
N GLU A 200 17.51 -3.98 -27.66
CA GLU A 200 16.89 -3.64 -28.93
C GLU A 200 15.67 -2.73 -28.77
N LYS A 201 14.64 -3.22 -28.09
CA LYS A 201 13.45 -2.40 -27.77
C LYS A 201 13.76 -1.12 -26.99
N ASP A 202 14.74 -1.18 -26.10
CA ASP A 202 15.20 -0.05 -25.31
C ASP A 202 14.04 0.61 -24.57
N PRO A 203 13.35 -0.17 -23.73
CA PRO A 203 12.18 0.38 -23.03
C PRO A 203 12.58 1.34 -21.91
N ASP A 204 11.74 2.34 -21.67
CA ASP A 204 11.93 3.26 -20.55
C ASP A 204 11.54 2.56 -19.26
N VAL A 205 10.46 1.79 -19.30
CA VAL A 205 9.98 1.07 -18.12
C VAL A 205 10.06 -0.45 -18.30
N LEU A 206 10.54 -1.13 -17.26
CA LEU A 206 10.52 -2.60 -17.22
C LEU A 206 9.54 -3.04 -16.15
N ILE A 207 8.45 -3.65 -16.59
CA ILE A 207 7.42 -4.13 -15.69
C ILE A 207 7.64 -5.58 -15.30
N THR A 208 7.64 -5.86 -14.00
CA THR A 208 7.65 -7.22 -13.49
C THR A 208 6.54 -7.42 -12.47
N TYR A 209 6.22 -8.67 -12.17
CA TYR A 209 5.35 -8.96 -11.05
C TYR A 209 6.13 -9.71 -10.01
N ASN A 210 6.49 -9.00 -8.93
CA ASN A 210 7.42 -9.51 -7.93
C ASN A 210 8.85 -9.72 -8.41
N GLY A 211 9.25 -8.98 -9.44
CA GLY A 211 10.63 -8.99 -9.89
C GLY A 211 11.65 -8.52 -8.85
N ASP A 212 11.23 -7.69 -7.92
CA ASP A 212 12.11 -7.19 -6.86
C ASP A 212 12.67 -8.32 -6.00
N ASN A 213 11.89 -9.40 -5.90
CA ASN A 213 12.22 -10.48 -4.97
C ASN A 213 12.61 -11.81 -5.63
N PHE A 214 12.10 -12.06 -6.83
CA PHE A 214 12.33 -13.34 -7.50
C PHE A 214 13.03 -13.21 -8.85
N ASP A 215 12.39 -12.57 -9.81
CA ASP A 215 12.91 -12.57 -11.17
C ASP A 215 14.35 -12.05 -11.30
N PHE A 216 14.66 -10.91 -10.73
CA PHE A 216 16.01 -10.37 -10.86
C PHE A 216 17.06 -11.16 -10.08
N ALA A 217 16.64 -11.70 -8.94
CA ALA A 217 17.54 -12.46 -8.09
C ALA A 217 17.86 -13.80 -8.74
N TYR A 218 16.87 -14.40 -9.39
CA TYR A 218 17.04 -15.67 -10.06
C TYR A 218 17.85 -15.51 -11.33
N LEU A 219 17.53 -14.50 -12.14
CA LEU A 219 18.40 -14.18 -13.29
C LEU A 219 19.84 -13.87 -12.83
N LYS A 220 19.98 -13.24 -11.67
CA LYS A 220 21.30 -12.98 -11.13
C LYS A 220 22.05 -14.30 -10.85
N LYS A 221 21.39 -15.23 -10.17
CA LYS A 221 21.98 -16.52 -9.80
C LYS A 221 22.45 -17.28 -11.05
N ARG A 222 21.54 -17.38 -12.02
CA ARG A 222 21.83 -18.04 -13.27
C ARG A 222 22.97 -17.40 -14.06
N CYS A 223 22.96 -16.07 -14.17
CA CYS A 223 23.99 -15.38 -14.93
C CYS A 223 25.39 -15.58 -14.36
N GLU A 224 25.48 -15.69 -13.05
CA GLU A 224 26.76 -15.93 -12.42
C GLU A 224 27.26 -17.36 -12.66
N GLU A 225 26.32 -18.30 -12.84
CA GLU A 225 26.65 -19.67 -13.17
C GLU A 225 27.21 -19.76 -14.57
N LEU A 226 26.43 -19.24 -15.52
CA LEU A 226 26.74 -19.34 -16.93
C LEU A 226 27.76 -18.32 -17.42
N GLY A 227 28.41 -17.61 -16.51
CA GLY A 227 29.31 -16.53 -16.89
C GLY A 227 28.72 -15.53 -17.88
N ILE A 228 27.67 -14.82 -17.47
CA ILE A 228 27.07 -13.79 -18.30
C ILE A 228 26.92 -12.51 -17.50
N LYS A 229 27.47 -11.42 -18.02
CA LYS A 229 27.22 -10.12 -17.41
C LYS A 229 25.78 -9.70 -17.75
N PHE A 230 24.97 -9.51 -16.71
CA PHE A 230 23.56 -9.22 -16.87
C PHE A 230 23.32 -7.73 -17.11
N THR A 231 23.62 -7.28 -18.32
CA THR A 231 23.54 -5.85 -18.63
C THR A 231 22.15 -5.43 -19.09
N LEU A 232 21.40 -4.81 -18.21
CA LEU A 232 20.07 -4.34 -18.57
C LEU A 232 20.01 -2.83 -18.56
N GLY A 233 20.99 -2.20 -17.95
CA GLY A 233 20.99 -0.75 -17.82
C GLY A 233 21.30 0.02 -19.10
N ARG A 234 20.67 1.18 -19.25
CA ARG A 234 20.92 2.03 -20.40
C ARG A 234 22.37 2.54 -20.46
N ASP A 235 23.03 2.56 -19.30
CA ASP A 235 24.47 2.89 -19.24
C ASP A 235 25.36 1.64 -19.33
N GLY A 236 24.76 0.48 -19.62
CA GLY A 236 25.48 -0.78 -19.70
C GLY A 236 25.80 -1.48 -18.38
N SER A 237 24.99 -1.24 -17.35
CA SER A 237 25.24 -1.82 -16.02
C SER A 237 24.32 -2.99 -15.69
N GLU A 238 24.69 -3.77 -14.69
CA GLU A 238 23.80 -4.80 -14.15
C GLU A 238 22.73 -4.17 -13.24
N PRO A 239 21.59 -4.86 -13.08
CA PRO A 239 20.57 -4.40 -12.13
C PRO A 239 21.12 -4.26 -10.71
N LYS A 240 20.82 -3.15 -10.05
CA LYS A 240 21.34 -2.84 -8.72
C LYS A 240 20.33 -3.23 -7.65
N ILE A 241 20.77 -3.97 -6.66
CA ILE A 241 19.93 -4.32 -5.53
C ILE A 241 19.98 -3.25 -4.45
N GLN A 242 18.81 -2.68 -4.14
CA GLN A 242 18.70 -1.73 -3.04
C GLN A 242 17.88 -2.36 -1.90
N ARG A 243 18.15 -1.94 -0.67
CA ARG A 243 17.39 -2.41 0.48
C ARG A 243 16.17 -1.52 0.72
N MET A 244 15.06 -2.16 1.06
CA MET A 244 13.83 -1.44 1.39
C MET A 244 13.19 -2.07 2.63
N GLY A 245 13.52 -1.53 3.81
CA GLY A 245 13.13 -2.15 5.06
C GLY A 245 13.73 -3.54 5.10
N ASP A 246 12.90 -4.54 5.43
CA ASP A 246 13.34 -5.93 5.46
C ASP A 246 13.51 -6.52 4.06
N ARG A 247 12.78 -5.93 3.11
CA ARG A 247 12.69 -6.44 1.74
C ARG A 247 13.89 -6.04 0.89
N PHE A 248 13.93 -6.54 -0.35
CA PHE A 248 14.87 -6.06 -1.34
C PHE A 248 14.10 -5.46 -2.50
N ALA A 249 14.68 -4.46 -3.15
CA ALA A 249 14.14 -3.90 -4.38
C ALA A 249 15.24 -3.79 -5.44
N VAL A 250 14.86 -3.80 -6.71
CA VAL A 250 15.85 -3.77 -7.75
C VAL A 250 15.76 -2.58 -8.69
N GLU A 251 16.85 -1.83 -8.78
CA GLU A 251 16.97 -0.76 -9.75
C GLU A 251 17.57 -1.29 -11.06
N VAL A 252 17.18 -0.68 -12.18
CA VAL A 252 17.89 -0.84 -13.44
C VAL A 252 18.19 0.53 -14.02
N LYS A 253 19.46 0.93 -13.97
CA LYS A 253 19.88 2.28 -14.34
C LYS A 253 19.42 2.76 -15.71
N GLY A 254 18.87 3.98 -15.74
CA GLY A 254 18.35 4.59 -16.95
C GLY A 254 16.95 4.11 -17.30
N ARG A 255 16.49 3.08 -16.60
CA ARG A 255 15.12 2.61 -16.79
C ARG A 255 14.30 2.73 -15.50
N ILE A 256 13.00 2.60 -15.62
CA ILE A 256 12.19 2.48 -14.42
C ILE A 256 11.81 1.02 -14.23
N HIS A 257 12.40 0.35 -13.24
CA HIS A 257 11.88 -0.98 -12.90
C HIS A 257 10.58 -0.81 -12.10
N PHE A 258 9.46 -0.96 -12.80
CA PHE A 258 8.15 -0.88 -12.20
C PHE A 258 7.72 -2.28 -11.82
N ASP A 259 8.00 -2.68 -10.58
CA ASP A 259 7.50 -3.94 -10.03
C ASP A 259 6.05 -3.73 -9.54
N LEU A 260 5.11 -4.38 -10.24
CA LEU A 260 3.69 -4.30 -9.92
C LEU A 260 3.33 -4.83 -8.56
N TYR A 261 4.12 -5.75 -8.02
CA TYR A 261 3.72 -6.41 -6.78
C TYR A 261 3.47 -5.47 -5.59
N PRO A 262 4.46 -4.64 -5.22
CA PRO A 262 4.20 -3.82 -4.03
C PRO A 262 3.10 -2.76 -4.26
N VAL A 263 2.84 -2.42 -5.52
CA VAL A 263 1.81 -1.46 -5.83
C VAL A 263 0.43 -2.07 -5.60
N ILE A 264 0.18 -3.20 -6.27
CA ILE A 264 -1.07 -3.93 -6.12
C ILE A 264 -1.33 -4.37 -4.68
N ARG A 265 -0.26 -4.73 -3.99
CA ARG A 265 -0.35 -5.19 -2.60
C ARG A 265 -0.90 -4.07 -1.69
N ARG A 266 -0.51 -2.83 -1.98
CA ARG A 266 -0.96 -1.65 -1.24
C ARG A 266 -2.34 -1.24 -1.69
N THR A 267 -2.52 -1.30 -3.00
CA THR A 267 -3.71 -0.74 -3.62
C THR A 267 -4.99 -1.54 -3.39
N ILE A 268 -4.95 -2.84 -3.66
CA ILE A 268 -6.16 -3.67 -3.61
C ILE A 268 -6.10 -4.70 -2.48
N ASN A 269 -7.23 -4.92 -1.80
CA ASN A 269 -7.26 -5.91 -0.74
C ASN A 269 -7.86 -7.18 -1.29
N LEU A 270 -7.04 -8.22 -1.37
CA LEU A 270 -7.47 -9.48 -1.96
C LEU A 270 -7.00 -10.57 -1.03
N PRO A 271 -7.69 -11.72 -1.04
CA PRO A 271 -7.24 -12.89 -0.29
C PRO A 271 -5.82 -13.35 -0.70
N THR A 272 -5.61 -13.62 -1.99
CA THR A 272 -4.27 -13.97 -2.46
C THR A 272 -3.83 -12.93 -3.46
N TYR A 273 -2.52 -12.88 -3.72
CA TYR A 273 -1.93 -11.94 -4.67
C TYR A 273 -1.15 -12.66 -5.78
N THR A 274 -1.63 -13.84 -6.15
CA THR A 274 -1.03 -14.51 -7.30
C THR A 274 -1.36 -13.66 -8.51
N LEU A 275 -0.56 -13.78 -9.55
CA LEU A 275 -0.78 -13.01 -10.77
C LEU A 275 -2.15 -13.30 -11.35
N GLU A 276 -2.64 -14.54 -11.15
CA GLU A 276 -3.92 -14.97 -11.70
C GLU A 276 -5.08 -14.30 -10.95
N ALA A 277 -4.90 -14.16 -9.64
CA ALA A 277 -5.93 -13.60 -8.79
C ALA A 277 -6.10 -12.11 -9.07
N VAL A 278 -4.99 -11.40 -9.07
CA VAL A 278 -4.94 -9.99 -9.43
C VAL A 278 -5.53 -9.67 -10.81
N TYR A 279 -5.13 -10.43 -11.82
CA TYR A 279 -5.66 -10.19 -13.14
C TYR A 279 -7.17 -10.37 -13.17
N GLU A 280 -7.64 -11.45 -12.53
CA GLU A 280 -9.07 -11.74 -12.45
C GLU A 280 -9.78 -10.60 -11.74
N ALA A 281 -9.17 -10.13 -10.66
CA ALA A 281 -9.75 -9.08 -9.83
C ALA A 281 -9.83 -7.74 -10.56
N VAL A 282 -8.86 -7.43 -11.41
CA VAL A 282 -8.80 -6.14 -12.09
C VAL A 282 -9.56 -6.10 -13.43
N PHE A 283 -9.38 -7.13 -14.25
CA PHE A 283 -9.96 -7.16 -15.59
C PHE A 283 -11.19 -8.06 -15.76
N GLY A 284 -11.54 -8.82 -14.72
CA GLY A 284 -12.73 -9.65 -14.76
C GLY A 284 -12.50 -10.98 -15.47
N LYS A 285 -11.71 -10.96 -16.54
CA LYS A 285 -11.34 -12.17 -17.27
C LYS A 285 -10.46 -13.09 -16.41
N PRO A 286 -10.73 -14.40 -16.44
CA PRO A 286 -9.89 -15.33 -15.68
C PRO A 286 -8.58 -15.67 -16.40
N LYS A 287 -7.61 -16.17 -15.64
CA LYS A 287 -6.33 -16.56 -16.18
C LYS A 287 -5.95 -17.92 -15.61
N GLU A 288 -5.63 -18.88 -16.47
CA GLU A 288 -5.32 -20.23 -16.01
C GLU A 288 -3.93 -20.30 -15.41
N LYS A 289 -3.79 -21.10 -14.35
CA LYS A 289 -2.51 -21.25 -13.66
C LYS A 289 -1.90 -22.62 -13.94
N VAL A 290 -0.60 -22.65 -14.25
CA VAL A 290 0.16 -23.90 -14.36
C VAL A 290 1.18 -23.95 -13.22
N TYR A 291 1.17 -25.04 -12.48
CA TYR A 291 2.02 -25.14 -11.29
C TYR A 291 3.41 -25.67 -11.61
N ALA A 292 4.37 -25.27 -10.79
CA ALA A 292 5.78 -25.65 -10.97
C ALA A 292 5.98 -27.16 -11.07
N GLU A 293 5.04 -27.94 -10.54
CA GLU A 293 5.13 -29.38 -10.71
C GLU A 293 4.82 -29.77 -12.16
N GLU A 294 3.73 -29.23 -12.70
CA GLU A 294 3.34 -29.49 -14.09
C GLU A 294 4.42 -28.97 -15.05
N ILE A 295 4.97 -27.82 -14.72
CA ILE A 295 6.02 -27.23 -15.53
C ILE A 295 7.20 -28.19 -15.55
N ALA A 296 7.63 -28.60 -14.36
CA ALA A 296 8.79 -29.47 -14.21
C ALA A 296 8.52 -30.78 -14.93
N GLN A 297 7.32 -31.30 -14.74
CA GLN A 297 6.88 -32.53 -15.39
C GLN A 297 7.10 -32.47 -16.90
N ALA A 298 6.50 -31.46 -17.54
CA ALA A 298 6.58 -31.27 -18.99
C ALA A 298 8.00 -31.10 -19.52
N TRP A 299 8.87 -30.43 -18.77
CA TRP A 299 10.21 -30.20 -19.25
C TRP A 299 11.05 -31.46 -19.32
N GLU A 300 10.84 -32.39 -18.40
CA GLU A 300 11.65 -33.60 -18.35
C GLU A 300 11.37 -34.48 -19.56
N SER A 301 10.22 -34.24 -20.19
CA SER A 301 9.70 -35.22 -21.13
C SER A 301 9.03 -34.63 -22.36
N GLY A 302 9.26 -33.34 -22.62
CA GLY A 302 8.70 -32.67 -23.78
C GLY A 302 7.21 -32.91 -23.99
N GLU A 303 6.48 -33.15 -22.90
CA GLU A 303 5.06 -33.46 -22.94
C GLU A 303 4.13 -32.29 -23.30
N GLY A 304 3.31 -31.88 -22.34
CA GLY A 304 2.42 -30.75 -22.57
C GLY A 304 3.15 -29.45 -22.37
N LEU A 305 4.01 -29.10 -23.33
CA LEU A 305 4.84 -27.90 -23.24
C LEU A 305 4.23 -26.69 -23.94
N GLU A 306 3.22 -26.92 -24.76
CA GLU A 306 2.48 -25.82 -25.36
C GLU A 306 1.61 -25.15 -24.30
N ARG A 307 1.13 -25.91 -23.34
CA ARG A 307 0.33 -25.34 -22.27
C ARG A 307 1.22 -24.49 -21.35
N VAL A 308 2.45 -24.95 -21.15
CA VAL A 308 3.41 -24.22 -20.32
C VAL A 308 3.85 -22.94 -21.05
N ALA A 309 4.05 -23.07 -22.36
CA ALA A 309 4.38 -21.93 -23.20
C ALA A 309 3.30 -20.89 -23.20
N ARG A 310 2.04 -21.32 -23.37
CA ARG A 310 0.91 -20.42 -23.31
CA ARG A 310 0.89 -20.43 -23.30
C ARG A 310 0.92 -19.69 -21.97
N TYR A 311 1.05 -20.45 -20.89
CA TYR A 311 1.16 -19.90 -19.56
C TYR A 311 2.23 -18.81 -19.42
N SER A 312 3.39 -19.06 -20.02
CA SER A 312 4.52 -18.14 -19.88
C SER A 312 4.24 -16.87 -20.66
N MET A 313 3.70 -17.06 -21.86
CA MET A 313 3.33 -15.94 -22.71
C MET A 313 2.31 -15.08 -21.97
N GLU A 314 1.32 -15.72 -21.37
CA GLU A 314 0.24 -15.01 -20.71
C GLU A 314 0.74 -14.26 -19.50
N ASP A 315 1.74 -14.79 -18.81
CA ASP A 315 2.32 -14.08 -17.68
C ASP A 315 2.83 -12.72 -18.08
N ALA A 316 3.62 -12.70 -19.16
CA ALA A 316 4.19 -11.46 -19.63
C ALA A 316 3.13 -10.51 -20.16
N LYS A 317 2.21 -11.04 -20.98
CA LYS A 317 1.14 -10.26 -21.57
C LYS A 317 0.26 -9.62 -20.49
N VAL A 318 -0.23 -10.44 -19.58
CA VAL A 318 -1.03 -9.96 -18.46
C VAL A 318 -0.26 -8.97 -17.62
N THR A 319 1.03 -9.21 -17.40
CA THR A 319 1.85 -8.33 -16.58
C THR A 319 1.96 -6.97 -17.25
N TYR A 320 2.07 -6.99 -18.57
CA TYR A 320 2.08 -5.75 -19.32
C TYR A 320 0.77 -4.95 -19.25
N GLU A 321 -0.37 -5.65 -19.29
CA GLU A 321 -1.70 -5.01 -19.28
C GLU A 321 -2.01 -4.31 -17.95
N LEU A 322 -1.70 -4.99 -16.84
CA LEU A 322 -1.77 -4.39 -15.50
C LEU A 322 -0.77 -3.25 -15.35
N GLY A 323 0.44 -3.43 -15.88
CA GLY A 323 1.42 -2.37 -15.84
C GLY A 323 0.92 -1.09 -16.49
N ARG A 324 0.32 -1.22 -17.66
CA ARG A 324 -0.16 -0.06 -18.39
C ARG A 324 -1.25 0.68 -17.60
N GLU A 325 -2.05 -0.07 -16.84
CA GLU A 325 -3.17 0.50 -16.12
C GLU A 325 -2.77 1.10 -14.77
N PHE A 326 -1.78 0.53 -14.11
CA PHE A 326 -1.37 1.04 -12.80
C PHE A 326 -0.30 2.11 -12.88
N PHE A 327 0.44 2.14 -13.97
CA PHE A 327 1.52 3.10 -14.12
C PHE A 327 1.08 4.57 -14.02
N PRO A 328 -0.01 4.97 -14.73
CA PRO A 328 -0.30 6.41 -14.78
C PRO A 328 -0.65 6.99 -13.40
N MET A 329 -1.39 6.20 -12.62
CA MET A 329 -1.71 6.59 -11.27
C MET A 329 -0.44 6.78 -10.47
N GLU A 330 0.56 5.95 -10.74
CA GLU A 330 1.78 5.97 -9.97
C GLU A 330 2.68 7.13 -10.39
N ALA A 331 2.51 7.57 -11.62
CA ALA A 331 3.26 8.69 -12.14
C ALA A 331 2.73 10.04 -11.60
N GLN A 332 1.41 10.23 -11.60
CA GLN A 332 0.82 11.41 -10.95
C GLN A 332 1.19 11.54 -9.45
N LEU A 333 1.15 10.43 -8.74
CA LEU A 333 1.55 10.40 -7.36
C LEU A 333 3.03 10.79 -7.23
N SER A 334 3.87 10.32 -8.15
CA SER A 334 5.29 10.67 -8.16
CA SER A 334 5.29 10.67 -8.14
C SER A 334 5.49 12.15 -8.46
N ARG A 335 4.72 12.66 -9.41
CA ARG A 335 4.76 14.09 -9.75
C ARG A 335 4.33 14.95 -8.54
N LEU A 336 3.28 14.52 -7.84
CA LEU A 336 2.81 15.17 -6.60
C LEU A 336 3.85 15.15 -5.50
N ILE A 337 4.38 13.97 -5.19
CA ILE A 337 5.36 13.86 -4.11
C ILE A 337 6.73 14.45 -4.46
N GLY A 338 7.04 14.48 -5.76
CA GLY A 338 8.31 15.03 -6.19
C GLY A 338 9.46 14.05 -6.03
N GLN A 339 9.16 12.76 -6.07
CA GLN A 339 10.23 11.77 -6.03
C GLN A 339 10.03 10.81 -7.18
N SER A 340 11.06 10.01 -7.47
CA SER A 340 11.04 9.09 -8.61
C SER A 340 9.91 8.09 -8.49
N LEU A 341 9.37 7.67 -9.62
CA LEU A 341 8.34 6.64 -9.60
C LEU A 341 8.84 5.32 -8.98
N TRP A 342 10.13 5.02 -9.16
CA TRP A 342 10.73 3.84 -8.53
C TRP A 342 10.57 3.88 -7.02
N ASP A 343 10.94 5.01 -6.42
CA ASP A 343 10.75 5.17 -4.97
C ASP A 343 9.28 5.19 -4.57
N VAL A 344 8.54 6.10 -5.18
CA VAL A 344 7.15 6.34 -4.81
C VAL A 344 6.31 5.07 -4.89
N SER A 345 6.53 4.25 -5.91
CA SER A 345 5.69 3.08 -6.13
C SER A 345 5.92 2.00 -5.07
N ARG A 346 7.02 2.11 -4.34
CA ARG A 346 7.34 1.17 -3.27
C ARG A 346 7.24 1.82 -1.89
N SER A 347 6.52 2.93 -1.79
CA SER A 347 6.42 3.64 -0.50
C SER A 347 5.05 3.56 0.15
N SER A 348 5.04 3.52 1.47
CA SER A 348 3.79 3.68 2.22
C SER A 348 3.31 5.12 2.11
N THR A 349 2.03 5.38 2.41
CA THR A 349 1.56 6.78 2.44
C THR A 349 2.42 7.64 3.39
N GLY A 350 2.75 7.10 4.56
CA GLY A 350 3.57 7.81 5.52
C GLY A 350 4.90 8.29 4.95
N ASN A 351 5.55 7.46 4.13
CA ASN A 351 6.81 7.87 3.52
C ASN A 351 6.59 8.97 2.47
N LEU A 352 5.53 8.84 1.70
CA LEU A 352 5.15 9.86 0.72
C LEU A 352 4.95 11.22 1.37
N VAL A 353 4.21 11.24 2.49
CA VAL A 353 3.95 12.47 3.22
C VAL A 353 5.30 13.09 3.57
N GLU A 354 6.16 12.30 4.20
CA GLU A 354 7.46 12.83 4.59
C GLU A 354 8.26 13.46 3.44
N TRP A 355 8.25 12.84 2.27
CA TRP A 355 8.98 13.41 1.13
C TRP A 355 8.32 14.69 0.63
N PHE A 356 6.99 14.70 0.55
CA PHE A 356 6.26 15.93 0.36
C PHE A 356 6.69 17.03 1.36
N LEU A 357 6.72 16.69 2.66
CA LEU A 357 6.98 17.71 3.66
C LEU A 357 8.43 18.19 3.60
N LEU A 358 9.35 17.26 3.31
CA LEU A 358 10.77 17.63 3.18
C LEU A 358 10.96 18.62 2.05
N ARG A 359 10.24 18.41 0.94
CA ARG A 359 10.32 19.34 -0.19
C ARG A 359 9.68 20.70 0.15
N LYS A 360 8.46 20.66 0.71
CA LYS A 360 7.83 21.89 1.20
C LYS A 360 8.64 22.60 2.28
N ALA A 361 9.22 21.85 3.21
CA ALA A 361 10.09 22.51 4.18
C ALA A 361 11.22 23.27 3.50
N TYR A 362 11.75 22.74 2.40
CA TYR A 362 12.88 23.40 1.72
C TYR A 362 12.42 24.69 1.08
N LYS A 363 11.25 24.63 0.44
CA LYS A 363 10.67 25.79 -0.22
C LYS A 363 10.49 26.95 0.76
N ARG A 364 10.00 26.63 1.95
CA ARG A 364 9.64 27.65 2.95
C ARG A 364 10.71 27.87 4.01
N ASN A 365 11.92 27.34 3.75
CA ASN A 365 13.04 27.52 4.67
C ASN A 365 12.79 26.98 6.09
N GLU A 366 11.91 26.00 6.23
CA GLU A 366 11.75 25.30 7.50
C GLU A 366 12.80 24.18 7.68
N LEU A 367 13.62 24.25 8.72
CA LEU A 367 14.56 23.15 9.05
C LEU A 367 13.80 21.90 9.44
N ALA A 368 14.18 20.75 8.90
CA ALA A 368 13.45 19.53 9.21
C ALA A 368 13.82 18.97 10.59
N PRO A 369 12.83 18.45 11.32
CA PRO A 369 13.14 17.72 12.56
C PRO A 369 13.75 16.38 12.19
N ASN A 370 14.65 15.86 13.01
CA ASN A 370 15.24 14.56 12.72
C ASN A 370 14.30 13.40 12.95
N LYS A 371 14.68 12.26 12.39
CA LYS A 371 14.00 11.03 12.66
C LYS A 371 14.34 10.69 14.11
N PRO A 372 13.42 10.03 14.81
CA PRO A 372 13.65 9.79 16.23
C PRO A 372 14.72 8.71 16.45
N ASP A 373 15.63 8.93 17.40
CA ASP A 373 16.54 7.89 17.87
C ASP A 373 15.82 6.83 18.70
N GLU A 374 16.53 5.77 19.06
CA GLU A 374 15.98 4.66 19.84
C GLU A 374 15.31 5.13 21.12
N ARG A 375 15.96 6.06 21.82
CA ARG A 375 15.47 6.61 23.07
C ARG A 375 14.14 7.36 22.90
N GLU A 376 14.14 8.39 22.06
CA GLU A 376 12.93 9.15 21.78
C GLU A 376 11.78 8.28 21.26
N LEU A 377 12.13 7.28 20.46
CA LEU A 377 11.14 6.38 19.88
C LEU A 377 10.40 5.61 20.99
N ALA A 378 11.08 5.42 22.11
CA ALA A 378 10.46 4.78 23.26
C ALA A 378 9.46 5.71 23.94
N ARG A 379 9.74 7.02 23.93
CA ARG A 379 8.82 7.98 24.52
C ARG A 379 7.62 8.26 23.62
N ARG A 380 7.60 7.65 22.43
CA ARG A 380 6.47 7.79 21.51
C ARG A 380 5.65 6.50 21.46
N ARG A 381 5.67 5.74 22.56
CA ARG A 381 5.10 4.40 22.56
C ARG A 381 3.64 4.41 22.93
N GLY A 382 3.24 5.32 23.82
CA GLY A 382 1.84 5.47 24.21
C GLY A 382 0.87 5.67 23.05
N GLY A 383 -0.33 5.13 23.19
CA GLY A 383 -1.38 5.33 22.19
C GLY A 383 -2.35 6.44 22.61
N TYR A 384 -3.51 6.52 21.98
CA TYR A 384 -4.45 7.58 22.25
C TYR A 384 -5.82 7.18 21.76
N ALA A 385 -6.83 7.96 22.12
CA ALA A 385 -8.21 7.64 21.80
C ALA A 385 -8.56 7.99 20.35
N GLY A 386 -9.26 7.07 19.69
CA GLY A 386 -9.48 7.17 18.26
C GLY A 386 -10.91 7.55 17.93
N GLY A 387 -11.42 7.00 16.83
CA GLY A 387 -12.76 7.28 16.36
C GLY A 387 -13.83 6.75 17.29
N TYR A 388 -14.99 7.39 17.27
CA TYR A 388 -16.15 6.94 18.07
C TYR A 388 -16.93 5.82 17.37
N VAL A 389 -17.26 4.75 18.08
CA VAL A 389 -18.07 3.69 17.48
C VAL A 389 -19.28 3.39 18.35
N LYS A 390 -20.45 3.54 17.74
CA LYS A 390 -21.71 3.31 18.43
C LYS A 390 -22.13 1.84 18.38
N GLU A 391 -22.42 1.26 19.55
CA GLU A 391 -23.02 -0.06 19.64
C GLU A 391 -24.32 -0.08 18.85
N PRO A 392 -24.38 -0.88 17.77
CA PRO A 392 -25.55 -0.87 16.88
C PRO A 392 -26.79 -1.43 17.53
N GLU A 393 -27.96 -1.12 16.97
CA GLU A 393 -29.17 -1.82 17.38
C GLU A 393 -29.35 -3.02 16.45
N ARG A 394 -29.14 -4.22 17.00
CA ARG A 394 -28.98 -5.39 16.16
C ARG A 394 -30.25 -5.77 15.46
N GLY A 395 -30.11 -6.37 14.29
CA GLY A 395 -31.25 -6.92 13.56
C GLY A 395 -31.56 -6.29 12.21
N LEU A 396 -32.71 -6.69 11.67
CA LEU A 396 -33.14 -6.23 10.37
C LEU A 396 -33.96 -4.96 10.51
N TRP A 397 -33.60 -3.94 9.72
CA TRP A 397 -34.33 -2.68 9.71
C TRP A 397 -34.71 -2.30 8.28
N ASP A 398 -35.82 -1.57 8.14
CA ASP A 398 -36.27 -1.10 6.84
C ASP A 398 -35.93 0.37 6.63
N ASN A 399 -35.68 0.74 5.37
CA ASN A 399 -35.56 2.12 4.91
C ASN A 399 -34.52 2.97 5.63
N ILE A 400 -33.27 2.68 5.34
CA ILE A 400 -32.14 3.26 6.04
C ILE A 400 -31.43 4.29 5.17
N VAL A 401 -31.07 5.41 5.79
CA VAL A 401 -30.23 6.41 5.12
C VAL A 401 -28.82 6.39 5.70
N TYR A 402 -27.81 6.51 4.83
CA TYR A 402 -26.44 6.66 5.30
C TYR A 402 -25.93 8.09 5.07
N LEU A 403 -25.62 8.80 6.16
CA LEU A 403 -25.14 10.17 6.13
C LEU A 403 -23.73 10.16 6.67
N ASP A 404 -22.85 10.95 6.07
CA ASP A 404 -21.45 10.97 6.52
C ASP A 404 -20.71 12.26 6.13
N PHE A 405 -19.56 12.49 6.76
CA PHE A 405 -18.68 13.58 6.40
C PHE A 405 -17.76 13.07 5.33
N ARG A 406 -17.39 13.92 4.37
CA ARG A 406 -16.29 13.58 3.47
C ARG A 406 -15.06 14.35 3.92
N SER A 407 -13.92 13.68 4.00
CA SER A 407 -12.68 14.29 4.52
C SER A 407 -12.88 14.92 5.88
N LEU A 408 -13.34 14.14 6.84
CA LEU A 408 -13.53 14.67 8.18
C LEU A 408 -12.20 15.20 8.71
N TYR A 409 -11.18 14.35 8.72
CA TYR A 409 -9.93 14.67 9.40
C TYR A 409 -9.12 15.80 8.77
N PRO A 410 -8.97 15.78 7.43
CA PRO A 410 -8.27 16.96 6.91
C PRO A 410 -9.07 18.27 7.10
N SER A 411 -10.39 18.21 7.01
CA SER A 411 -11.21 19.40 7.30
C SER A 411 -10.96 19.93 8.71
N ILE A 412 -10.91 19.02 9.67
CA ILE A 412 -10.58 19.37 11.04
C ILE A 412 -9.20 20.03 11.13
N ILE A 413 -8.20 19.43 10.48
CA ILE A 413 -6.82 19.93 10.53
C ILE A 413 -6.71 21.36 9.99
N ILE A 414 -7.34 21.60 8.85
CA ILE A 414 -7.44 22.96 8.33
C ILE A 414 -8.24 23.92 9.25
N THR A 415 -9.51 23.59 9.49
CA THR A 415 -10.40 24.39 10.37
C THR A 415 -9.75 24.87 11.68
N HIS A 416 -9.08 23.97 12.39
CA HIS A 416 -8.61 24.26 13.73
C HIS A 416 -7.11 24.50 13.76
N ASN A 417 -6.51 24.53 12.57
CA ASN A 417 -5.08 24.81 12.42
C ASN A 417 -4.19 23.84 13.20
N VAL A 418 -4.54 22.56 13.16
CA VAL A 418 -3.86 21.55 13.96
C VAL A 418 -2.48 21.21 13.38
N SER A 419 -1.44 21.50 14.15
CA SER A 419 -0.10 21.51 13.61
C SER A 419 0.88 21.62 14.77
N PRO A 420 2.00 20.88 14.68
CA PRO A 420 2.99 20.87 15.78
C PRO A 420 3.65 22.21 16.00
N ASP A 421 3.56 23.09 15.02
CA ASP A 421 4.12 24.42 15.17
C ASP A 421 3.08 25.40 15.73
N THR A 422 1.80 25.07 15.63
CA THR A 422 0.75 25.90 16.23
C THR A 422 0.28 25.37 17.56
N LEU A 423 0.78 24.19 17.95
CA LEU A 423 0.38 23.61 19.21
C LEU A 423 0.98 24.40 20.36
N ASN A 424 0.13 24.80 21.30
CA ASN A 424 0.58 25.36 22.56
C ASN A 424 1.45 26.63 22.41
N ARG A 425 1.19 27.42 21.37
CA ARG A 425 1.97 28.65 21.18
C ARG A 425 1.53 29.76 22.13
N GLU A 426 2.49 30.36 22.81
CA GLU A 426 2.22 31.40 23.80
C GLU A 426 1.75 32.70 23.16
N GLY A 427 1.09 33.54 23.98
CA GLY A 427 0.80 34.92 23.63
C GLY A 427 0.05 35.16 22.34
N CYS A 428 -0.77 34.20 21.93
CA CYS A 428 -1.65 34.34 20.77
C CYS A 428 -2.96 35.11 21.06
N LYS A 429 -3.59 35.54 19.98
CA LYS A 429 -4.77 36.38 20.05
C LYS A 429 -5.98 35.47 19.97
N GLU A 430 -5.83 34.37 19.24
CA GLU A 430 -6.93 33.44 19.07
C GLU A 430 -6.45 32.01 19.11
N TYR A 431 -7.21 31.17 19.81
CA TYR A 431 -6.90 29.76 19.97
C TYR A 431 -8.09 28.89 19.60
N ASP A 432 -7.80 27.69 19.13
CA ASP A 432 -8.78 26.60 19.10
C ASP A 432 -8.36 25.54 20.11
N VAL A 433 -9.29 25.16 20.99
CA VAL A 433 -8.97 24.25 22.07
C VAL A 433 -9.68 22.93 21.81
N ALA A 434 -8.91 21.85 21.69
CA ALA A 434 -9.46 20.53 21.39
C ALA A 434 -10.29 20.06 22.54
N PRO A 435 -11.46 19.47 22.26
CA PRO A 435 -12.31 18.91 23.32
C PRO A 435 -11.66 17.71 24.01
N GLU A 436 -12.05 17.43 25.26
CA GLU A 436 -11.52 16.31 26.06
C GLU A 436 -10.01 16.40 26.33
N VAL A 437 -9.22 16.39 25.26
CA VAL A 437 -7.76 16.34 25.39
C VAL A 437 -7.12 17.71 25.63
N GLY A 438 -7.86 18.77 25.28
CA GLY A 438 -7.55 20.13 25.71
C GLY A 438 -6.41 20.91 25.06
N HIS A 439 -5.86 20.40 23.96
CA HIS A 439 -4.72 21.06 23.32
C HIS A 439 -5.09 22.37 22.62
N LYS A 440 -4.26 23.38 22.81
CA LYS A 440 -4.49 24.68 22.22
C LYS A 440 -3.75 24.86 20.91
N PHE A 441 -4.47 25.30 19.88
CA PHE A 441 -3.86 25.58 18.60
C PHE A 441 -4.01 27.04 18.17
N CYS A 442 -2.87 27.74 18.06
CA CYS A 442 -2.84 29.15 17.64
C CYS A 442 -3.49 29.31 16.30
N LYS A 443 -4.28 30.36 16.14
CA LYS A 443 -5.02 30.62 14.92
C LYS A 443 -4.54 31.90 14.27
N ASP A 444 -3.53 32.52 14.83
CA ASP A 444 -3.03 33.79 14.30
C ASP A 444 -2.24 33.65 13.00
N PHE A 445 -1.68 32.46 12.77
CA PHE A 445 -0.96 32.14 11.54
C PHE A 445 -1.25 30.70 11.08
N PRO A 446 -1.41 30.48 9.76
CA PRO A 446 -1.63 29.12 9.27
C PRO A 446 -0.44 28.24 9.63
N GLY A 447 -0.66 27.06 10.20
CA GLY A 447 0.43 26.17 10.55
C GLY A 447 1.04 25.55 9.31
N PHE A 448 2.24 24.99 9.45
CA PHE A 448 2.92 24.31 8.32
C PHE A 448 2.01 23.33 7.56
N ILE A 449 1.57 22.27 8.23
CA ILE A 449 0.68 21.30 7.59
C ILE A 449 -0.66 21.85 7.07
N PRO A 450 -1.45 22.55 7.94
CA PRO A 450 -2.75 23.07 7.49
C PRO A 450 -2.63 23.99 6.28
N SER A 451 -1.68 24.90 6.29
CA SER A 451 -1.35 25.62 5.08
C SER A 451 -1.15 24.70 3.85
N LEU A 452 -0.30 23.67 3.98
CA LEU A 452 -0.05 22.77 2.84
C LEU A 452 -1.31 22.04 2.50
N LEU A 453 -2.03 21.62 3.53
CA LEU A 453 -3.23 20.83 3.32
C LEU A 453 -4.35 21.66 2.71
N GLY A 454 -4.30 22.98 2.88
CA GLY A 454 -5.32 23.84 2.33
C GLY A 454 -5.05 24.13 0.87
N ASP A 455 -3.76 24.27 0.55
CA ASP A 455 -3.32 24.38 -0.84
C ASP A 455 -3.73 23.14 -1.64
N LEU A 456 -3.55 21.97 -1.05
CA LEU A 456 -3.90 20.69 -1.69
C LEU A 456 -5.40 20.66 -2.05
N LEU A 457 -6.25 20.99 -1.08
CA LEU A 457 -7.69 20.91 -1.28
C LEU A 457 -8.18 21.90 -2.34
N GLU A 458 -7.55 23.07 -2.40
CA GLU A 458 -7.87 24.05 -3.43
C GLU A 458 -7.45 23.55 -4.81
N GLU A 459 -6.25 22.97 -4.89
CA GLU A 459 -5.70 22.51 -6.16
C GLU A 459 -6.53 21.34 -6.68
N ARG A 460 -6.88 20.42 -5.77
CA ARG A 460 -7.79 19.34 -6.07
C ARG A 460 -9.13 19.82 -6.61
N GLN A 461 -9.65 20.89 -6.03
CA GLN A 461 -10.94 21.39 -6.44
C GLN A 461 -10.81 22.00 -7.82
N LYS A 462 -9.70 22.69 -8.06
CA LYS A 462 -9.44 23.23 -9.39
C LYS A 462 -9.42 22.14 -10.45
N ILE A 463 -8.77 21.01 -10.13
CA ILE A 463 -8.60 19.90 -11.06
C ILE A 463 -9.92 19.17 -11.35
N LYS A 464 -10.74 19.03 -10.32
CA LYS A 464 -12.08 18.43 -10.47
C LYS A 464 -12.98 19.24 -11.40
N ARG A 465 -12.82 20.56 -11.41
CA ARG A 465 -13.61 21.42 -12.30
CA ARG A 465 -13.62 21.39 -12.30
C ARG A 465 -13.13 21.29 -13.75
N LYS A 466 -11.81 21.19 -13.92
CA LYS A 466 -11.20 20.99 -15.23
C LYS A 466 -11.65 19.64 -15.75
N MET A 467 -11.59 18.65 -14.85
CA MET A 467 -12.01 17.30 -15.15
C MET A 467 -13.46 17.26 -15.62
N LYS A 468 -14.35 17.93 -14.89
CA LYS A 468 -15.78 17.95 -15.25
C LYS A 468 -16.12 18.82 -16.45
N ALA A 469 -15.34 19.87 -16.67
CA ALA A 469 -15.52 20.74 -17.83
C ALA A 469 -15.03 20.14 -19.15
N THR A 470 -13.90 19.45 -19.09
CA THR A 470 -13.25 18.93 -20.30
C THR A 470 -14.09 17.93 -21.07
N VAL A 471 -14.03 18.03 -22.40
CA VAL A 471 -14.66 17.07 -23.29
C VAL A 471 -13.65 16.01 -23.76
N ASP A 472 -12.36 16.26 -23.46
CA ASP A 472 -11.28 15.34 -23.84
C ASP A 472 -11.16 14.22 -22.82
N PRO A 473 -11.47 12.98 -23.25
CA PRO A 473 -11.46 11.76 -22.41
C PRO A 473 -10.07 11.50 -21.82
N LEU A 474 -9.03 11.78 -22.59
CA LEU A 474 -7.67 11.54 -22.15
C LEU A 474 -7.27 12.49 -21.02
N GLU A 475 -7.56 13.77 -21.23
CA GLU A 475 -7.30 14.77 -20.21
C GLU A 475 -8.10 14.45 -18.95
N LYS A 476 -9.37 14.09 -19.14
CA LYS A 476 -10.25 13.73 -18.04
C LYS A 476 -9.63 12.63 -17.19
N LYS A 477 -9.17 11.56 -17.84
CA LYS A 477 -8.54 10.45 -17.13
C LYS A 477 -7.29 10.89 -16.38
N LEU A 478 -6.53 11.77 -17.00
CA LEU A 478 -5.30 12.24 -16.37
C LEU A 478 -5.62 13.09 -15.13
N LEU A 479 -6.50 14.08 -15.29
CA LEU A 479 -6.90 14.91 -14.16
C LEU A 479 -7.46 14.05 -13.02
N ASP A 480 -8.16 12.97 -13.39
CA ASP A 480 -8.77 12.08 -12.41
C ASP A 480 -7.74 11.42 -11.51
N TYR A 481 -6.62 10.98 -12.09
CA TYR A 481 -5.52 10.46 -11.30
C TYR A 481 -4.94 11.59 -10.46
N ARG A 482 -4.74 12.76 -11.08
CA ARG A 482 -4.16 13.90 -10.38
C ARG A 482 -4.97 14.24 -9.13
N GLN A 483 -6.29 14.22 -9.26
CA GLN A 483 -7.14 14.56 -8.14
C GLN A 483 -7.20 13.41 -7.14
N ARG A 484 -7.11 12.17 -7.65
CA ARG A 484 -7.06 11.04 -6.75
C ARG A 484 -5.76 11.01 -5.97
N ALA A 485 -4.65 11.41 -6.59
CA ALA A 485 -3.37 11.42 -5.88
C ALA A 485 -3.36 12.45 -4.74
N ILE A 486 -3.94 13.64 -4.98
CA ILE A 486 -4.06 14.66 -3.95
C ILE A 486 -4.88 14.17 -2.74
N LYS A 487 -5.99 13.48 -2.99
CA LYS A 487 -6.85 12.98 -1.93
C LYS A 487 -6.06 12.05 -1.03
N ILE A 488 -5.37 11.10 -1.65
CA ILE A 488 -4.60 10.11 -0.89
C ILE A 488 -3.57 10.78 0.00
N LEU A 489 -2.92 11.79 -0.55
CA LEU A 489 -1.93 12.52 0.18
C LEU A 489 -2.58 13.34 1.32
N ALA A 490 -3.67 14.07 1.03
CA ALA A 490 -4.47 14.80 2.03
C ALA A 490 -4.95 13.88 3.16
N ASN A 491 -5.34 12.66 2.80
CA ASN A 491 -5.86 11.71 3.78
C ASN A 491 -4.78 11.06 4.62
N SER A 492 -3.51 11.40 4.39
CA SER A 492 -2.44 10.64 5.04
C SER A 492 -1.77 11.46 6.11
N PHE A 493 -2.07 12.76 6.15
CA PHE A 493 -1.48 13.64 7.15
C PHE A 493 -1.84 13.18 8.56
N TYR A 494 -3.09 12.78 8.73
CA TYR A 494 -3.55 12.35 10.06
C TYR A 494 -2.73 11.18 10.60
N GLY A 495 -2.68 10.09 9.82
CA GLY A 495 -1.95 8.89 10.18
C GLY A 495 -0.50 9.21 10.46
N TYR A 496 0.05 10.10 9.64
CA TYR A 496 1.43 10.49 9.77
C TYR A 496 1.78 11.09 11.13
N TYR A 497 0.88 11.95 11.64
CA TYR A 497 1.01 12.66 12.93
C TYR A 497 1.21 11.69 14.07
N GLY A 498 0.50 10.58 14.02
CA GLY A 498 0.62 9.59 15.06
C GLY A 498 1.55 8.43 14.71
N TYR A 499 2.27 8.52 13.60
CA TYR A 499 3.20 7.47 13.20
C TYR A 499 4.59 7.71 13.83
N ALA A 500 4.95 6.87 14.79
CA ALA A 500 6.08 7.14 15.68
C ALA A 500 7.44 7.45 15.04
N LYS A 501 7.61 7.12 13.77
CA LYS A 501 8.92 7.30 13.14
C LYS A 501 8.98 8.60 12.34
N ALA A 502 7.89 9.34 12.33
CA ALA A 502 7.80 10.54 11.52
C ALA A 502 8.69 11.65 12.08
N ARG A 503 9.21 12.49 11.19
CA ARG A 503 9.93 13.69 11.62
C ARG A 503 8.93 14.68 12.24
N TRP A 504 7.79 14.88 11.58
CA TRP A 504 6.78 15.80 12.09
C TRP A 504 5.71 15.06 12.89
N TYR A 505 6.17 14.10 13.68
CA TYR A 505 5.30 13.35 14.56
C TYR A 505 4.73 14.32 15.57
N CYS A 506 3.46 14.15 15.89
CA CYS A 506 2.80 14.94 16.92
C CYS A 506 1.60 14.15 17.43
N LYS A 507 1.76 13.53 18.58
CA LYS A 507 0.64 12.86 19.22
C LYS A 507 -0.50 13.83 19.56
N GLU A 508 -0.16 14.95 20.19
CA GLU A 508 -1.16 15.93 20.61
C GLU A 508 -2.06 16.37 19.47
N CYS A 509 -1.46 16.58 18.29
CA CYS A 509 -2.19 16.88 17.06
C CYS A 509 -3.16 15.76 16.62
N ALA A 510 -2.68 14.51 16.60
CA ALA A 510 -3.53 13.38 16.18
C ALA A 510 -4.69 13.08 17.16
N GLU A 511 -4.39 13.17 18.45
CA GLU A 511 -5.37 13.14 19.51
C GLU A 511 -6.48 14.19 19.36
N SER A 512 -6.08 15.41 19.03
CA SER A 512 -7.00 16.52 18.87
C SER A 512 -7.91 16.30 17.67
N VAL A 513 -7.34 15.74 16.60
CA VAL A 513 -8.13 15.47 15.41
C VAL A 513 -9.20 14.43 15.74
N THR A 514 -8.81 13.37 16.44
CA THR A 514 -9.77 12.33 16.77
C THR A 514 -10.79 12.86 17.81
N ALA A 515 -10.35 13.67 18.77
CA ALA A 515 -11.27 14.19 19.77
C ALA A 515 -12.32 15.08 19.12
N TRP A 516 -11.89 15.98 18.24
CA TRP A 516 -12.86 16.76 17.45
C TRP A 516 -13.81 15.90 16.63
N GLY A 517 -13.27 14.86 15.99
CA GLY A 517 -14.08 14.01 15.14
C GLY A 517 -15.16 13.34 15.96
N ARG A 518 -14.83 12.93 17.18
CA ARG A 518 -15.84 12.36 18.07
C ARG A 518 -16.88 13.41 18.43
N GLU A 519 -16.44 14.62 18.77
CA GLU A 519 -17.39 15.67 19.13
C GLU A 519 -18.38 15.91 18.00
N TYR A 520 -17.88 16.09 16.78
CA TYR A 520 -18.79 16.37 15.67
C TYR A 520 -19.78 15.25 15.35
N ILE A 521 -19.32 14.01 15.36
CA ILE A 521 -20.20 12.91 14.95
C ILE A 521 -21.22 12.65 16.05
N GLU A 522 -20.78 12.77 17.30
CA GLU A 522 -21.69 12.56 18.42
C GLU A 522 -22.72 13.69 18.51
N MET A 523 -22.35 14.87 18.05
CA MET A 523 -23.28 15.98 18.03
C MET A 523 -24.34 15.79 16.95
N VAL A 524 -23.90 15.38 15.76
CA VAL A 524 -24.80 15.08 14.65
C VAL A 524 -25.81 14.01 15.03
N ILE A 525 -25.37 12.99 15.74
CA ILE A 525 -26.25 11.90 16.18
C ILE A 525 -27.27 12.43 17.19
N ARG A 526 -26.80 13.28 18.09
CA ARG A 526 -27.63 13.82 19.13
C ARG A 526 -28.76 14.66 18.51
N GLU A 527 -28.41 15.51 17.55
CA GLU A 527 -29.42 16.33 16.90
C GLU A 527 -30.41 15.50 16.09
N LEU A 528 -29.89 14.54 15.34
CA LEU A 528 -30.74 13.67 14.53
C LEU A 528 -31.75 12.88 15.38
N GLU A 529 -31.36 12.49 16.58
CA GLU A 529 -32.26 11.77 17.49
C GLU A 529 -33.25 12.70 18.20
N GLU A 530 -32.76 13.86 18.62
CA GLU A 530 -33.58 14.76 19.43
C GLU A 530 -34.41 15.73 18.60
N LYS A 531 -33.77 16.44 17.67
CA LYS A 531 -34.50 17.35 16.80
C LYS A 531 -35.48 16.58 15.92
N PHE A 532 -34.95 15.70 15.07
CA PHE A 532 -35.80 14.89 14.22
C PHE A 532 -36.05 13.58 14.94
N GLY A 533 -36.99 12.78 14.48
CA GLY A 533 -37.35 11.59 15.24
C GLY A 533 -36.54 10.35 14.90
N PHE A 534 -35.42 10.53 14.21
CA PHE A 534 -34.71 9.38 13.67
C PHE A 534 -34.20 8.49 14.78
N LYS A 535 -34.22 7.18 14.51
CA LYS A 535 -33.46 6.22 15.29
C LYS A 535 -32.11 5.98 14.59
N VAL A 536 -31.03 6.39 15.24
CA VAL A 536 -29.69 6.08 14.74
C VAL A 536 -29.36 4.62 15.01
N LEU A 537 -29.21 3.84 13.95
CA LEU A 537 -28.99 2.39 14.08
C LEU A 537 -27.54 2.06 14.39
N TYR A 538 -26.61 2.86 13.89
CA TYR A 538 -25.20 2.57 13.99
C TYR A 538 -24.40 3.79 13.54
N ALA A 539 -23.18 3.94 14.03
CA ALA A 539 -22.33 5.04 13.63
C ALA A 539 -20.87 4.64 13.80
N ASP A 540 -20.00 5.11 12.91
CA ASP A 540 -18.58 4.80 13.00
C ASP A 540 -17.75 5.96 12.51
N THR A 541 -17.17 6.69 13.45
CA THR A 541 -16.17 7.71 13.18
C THR A 541 -16.71 8.96 12.48
N ASP A 542 -17.12 8.79 11.23
CA ASP A 542 -17.47 9.92 10.39
C ASP A 542 -18.82 9.77 9.70
N GLY A 543 -19.63 8.81 10.11
CA GLY A 543 -20.88 8.62 9.41
C GLY A 543 -21.78 7.72 10.20
N LEU A 544 -23.03 7.60 9.74
CA LEU A 544 -24.05 6.91 10.52
C LEU A 544 -25.18 6.36 9.64
N HIS A 545 -25.88 5.34 10.15
CA HIS A 545 -27.05 4.79 9.49
C HIS A 545 -28.25 5.10 10.37
N ALA A 546 -29.30 5.65 9.77
CA ALA A 546 -30.49 5.97 10.53
C ALA A 546 -31.77 5.70 9.76
N THR A 547 -32.90 5.78 10.47
CA THR A 547 -34.21 5.58 9.85
C THR A 547 -35.29 6.06 10.80
N ILE A 548 -36.54 6.02 10.34
CA ILE A 548 -37.71 6.31 11.17
C ILE A 548 -38.60 5.09 11.09
N PRO A 549 -38.66 4.30 12.19
CA PRO A 549 -39.22 2.94 12.23
C PRO A 549 -40.58 2.76 11.54
N GLY A 550 -41.50 3.70 11.71
CA GLY A 550 -42.77 3.62 11.02
C GLY A 550 -42.72 4.00 9.55
N ALA A 551 -41.83 4.93 9.20
CA ALA A 551 -41.88 5.63 7.93
C ALA A 551 -41.59 4.81 6.67
N ASP A 552 -42.14 5.27 5.54
CA ASP A 552 -41.90 4.66 4.25
C ASP A 552 -40.67 5.27 3.64
N ALA A 553 -40.31 4.80 2.45
CA ALA A 553 -39.08 5.18 1.79
C ALA A 553 -38.98 6.68 1.49
N GLU A 554 -40.11 7.26 1.06
CA GLU A 554 -40.14 8.66 0.64
C GLU A 554 -40.07 9.64 1.82
N THR A 555 -40.71 9.30 2.93
CA THR A 555 -40.67 10.11 4.15
C THR A 555 -39.25 10.20 4.71
N VAL A 556 -38.61 9.05 4.87
CA VAL A 556 -37.24 8.97 5.38
C VAL A 556 -36.26 9.76 4.52
N LYS A 557 -36.38 9.62 3.21
CA LYS A 557 -35.57 10.41 2.28
C LYS A 557 -35.74 11.91 2.50
N LYS A 558 -36.98 12.41 2.40
CA LYS A 558 -37.27 13.83 2.66
C LYS A 558 -36.73 14.35 3.99
N LYS A 559 -37.11 13.66 5.07
CA LYS A 559 -36.69 14.04 6.42
C LYS A 559 -35.17 14.07 6.60
N ALA A 560 -34.46 13.16 5.94
CA ALA A 560 -33.01 13.14 5.98
C ALA A 560 -32.41 14.37 5.31
N LYS A 561 -32.88 14.69 4.11
CA LYS A 561 -32.38 15.85 3.39
C LYS A 561 -32.63 17.09 4.22
N GLU A 562 -33.81 17.16 4.82
CA GLU A 562 -34.22 18.32 5.59
C GLU A 562 -33.38 18.46 6.86
N PHE A 563 -32.94 17.33 7.41
CA PHE A 563 -32.03 17.36 8.54
C PHE A 563 -30.65 17.90 8.15
N LEU A 564 -30.20 17.63 6.93
CA LEU A 564 -28.88 18.12 6.49
C LEU A 564 -28.91 19.63 6.41
N LYS A 565 -29.97 20.14 5.79
CA LYS A 565 -30.10 21.58 5.62
C LYS A 565 -30.18 22.27 6.97
N TYR A 566 -30.66 21.53 7.97
CA TYR A 566 -30.68 22.03 9.36
C TYR A 566 -29.33 21.93 10.06
N ILE A 567 -28.64 20.80 9.86
CA ILE A 567 -27.45 20.49 10.64
C ILE A 567 -26.17 21.17 10.11
N ASN A 568 -26.06 21.28 8.80
CA ASN A 568 -24.85 21.85 8.21
C ASN A 568 -24.48 23.30 8.56
N PRO A 569 -25.48 24.20 8.73
CA PRO A 569 -25.08 25.53 9.19
C PRO A 569 -24.50 25.49 10.60
N LYS A 570 -24.76 24.43 11.34
CA LYS A 570 -24.35 24.35 12.73
C LYS A 570 -22.96 23.73 12.85
N LEU A 571 -22.42 23.29 11.72
CA LEU A 571 -21.08 22.73 11.69
C LEU A 571 -20.16 23.78 11.10
N PRO A 572 -18.87 23.75 11.47
CA PRO A 572 -17.83 24.55 10.81
C PRO A 572 -17.93 24.42 9.29
N GLY A 573 -17.58 25.47 8.55
CA GLY A 573 -17.77 25.51 7.11
C GLY A 573 -17.30 24.28 6.34
N LEU A 574 -16.05 23.89 6.57
CA LEU A 574 -15.47 22.75 5.85
C LEU A 574 -16.14 21.42 6.15
N LEU A 575 -16.74 21.29 7.33
CA LEU A 575 -17.41 20.06 7.73
C LEU A 575 -18.83 20.01 7.20
N GLU A 576 -19.03 19.30 6.10
CA GLU A 576 -20.34 19.15 5.52
C GLU A 576 -20.81 17.71 5.65
N LEU A 577 -21.96 17.52 6.29
CA LEU A 577 -22.57 16.20 6.36
C LEU A 577 -23.29 15.97 5.05
N GLU A 578 -23.13 14.78 4.48
CA GLU A 578 -23.68 14.49 3.16
C GLU A 578 -24.58 13.27 3.17
N TYR A 579 -25.57 13.27 2.29
CA TYR A 579 -26.46 12.14 2.13
C TYR A 579 -25.82 11.17 1.14
N GLU A 580 -25.37 10.01 1.61
CA GLU A 580 -24.71 9.07 0.73
C GLU A 580 -25.66 8.15 -0.02
N GLY A 581 -26.56 7.48 0.69
CA GLY A 581 -27.47 6.61 -0.03
C GLY A 581 -28.61 6.08 0.80
N PHE A 582 -29.54 5.44 0.09
CA PHE A 582 -30.70 4.86 0.73
C PHE A 582 -30.73 3.34 0.55
N TYR A 583 -31.10 2.64 1.63
CA TYR A 583 -31.15 1.19 1.62
C TYR A 583 -32.51 0.66 2.09
N VAL A 584 -33.09 -0.22 1.29
CA VAL A 584 -34.39 -0.82 1.56
C VAL A 584 -34.34 -1.64 2.85
N ARG A 585 -33.23 -2.34 3.07
CA ARG A 585 -33.07 -3.15 4.28
C ARG A 585 -31.63 -3.15 4.74
N GLY A 586 -31.42 -3.33 6.04
CA GLY A 586 -30.08 -3.45 6.54
C GLY A 586 -30.09 -4.40 7.71
N PHE A 587 -28.95 -5.02 7.96
CA PHE A 587 -28.86 -5.95 9.08
C PHE A 587 -27.53 -5.72 9.80
N PHE A 588 -27.62 -5.18 11.01
CA PHE A 588 -26.46 -4.89 11.83
C PHE A 588 -26.25 -5.97 12.91
N VAL A 589 -25.07 -6.59 12.87
CA VAL A 589 -24.76 -7.73 13.70
C VAL A 589 -24.01 -7.34 14.98
N THR A 590 -22.94 -6.58 14.82
CA THR A 590 -22.17 -6.04 15.94
C THR A 590 -21.46 -4.81 15.42
N LYS A 591 -20.68 -4.16 16.27
CA LYS A 591 -19.83 -3.09 15.78
C LYS A 591 -19.00 -3.65 14.65
N LYS A 592 -18.78 -2.84 13.62
CA LYS A 592 -17.89 -3.17 12.50
C LYS A 592 -18.47 -4.22 11.54
N LYS A 593 -19.61 -4.80 11.90
CA LYS A 593 -20.18 -5.92 11.15
C LYS A 593 -21.66 -5.75 10.83
N TYR A 594 -21.94 -5.40 9.58
CA TYR A 594 -23.32 -5.17 9.14
C TYR A 594 -23.40 -5.33 7.62
N ALA A 595 -24.61 -5.30 7.08
CA ALA A 595 -24.77 -5.38 5.63
C ALA A 595 -26.09 -4.76 5.26
N VAL A 596 -26.10 -4.01 4.17
CA VAL A 596 -27.31 -3.33 3.71
C VAL A 596 -27.63 -3.71 2.26
N ILE A 597 -28.90 -3.54 1.88
CA ILE A 597 -29.29 -3.74 0.50
C ILE A 597 -30.01 -2.48 -0.01
N ASP A 598 -29.69 -2.08 -1.24
CA ASP A 598 -30.27 -0.86 -1.79
C ASP A 598 -31.48 -1.16 -2.68
N GLU A 599 -32.00 -0.13 -3.34
CA GLU A 599 -33.22 -0.23 -4.13
C GLU A 599 -33.07 -1.05 -5.41
N GLU A 600 -31.83 -1.22 -5.87
CA GLU A 600 -31.58 -1.94 -7.11
C GLU A 600 -31.12 -3.37 -6.86
N GLY A 601 -31.24 -3.81 -5.61
CA GLY A 601 -30.92 -5.18 -5.26
C GLY A 601 -29.47 -5.41 -4.89
N LYS A 602 -28.63 -4.40 -5.11
CA LYS A 602 -27.22 -4.51 -4.77
C LYS A 602 -27.05 -4.62 -3.26
N ILE A 603 -26.16 -5.51 -2.83
CA ILE A 603 -25.89 -5.70 -1.41
C ILE A 603 -24.48 -5.26 -1.04
N THR A 604 -24.38 -4.46 0.01
CA THR A 604 -23.09 -4.02 0.52
C THR A 604 -22.81 -4.70 1.84
N THR A 605 -21.59 -5.24 1.99
CA THR A 605 -21.24 -5.97 3.19
C THR A 605 -20.03 -5.36 3.87
N ARG A 606 -20.06 -5.27 5.19
CA ARG A 606 -18.96 -4.66 5.92
C ARG A 606 -18.52 -5.55 7.09
N GLY A 607 -17.24 -5.88 7.16
CA GLY A 607 -16.67 -6.56 8.32
C GLY A 607 -17.00 -8.03 8.53
N LEU A 608 -18.13 -8.47 8.02
CA LEU A 608 -18.60 -9.84 8.23
C LEU A 608 -17.63 -10.83 7.58
N GLU A 609 -17.75 -12.10 7.95
CA GLU A 609 -16.84 -13.14 7.46
C GLU A 609 -16.74 -13.13 5.95
N ILE A 610 -17.86 -12.86 5.28
CA ILE A 610 -17.91 -12.68 3.85
C ILE A 610 -16.74 -11.89 3.25
N VAL A 611 -16.27 -10.85 3.95
CA VAL A 611 -15.21 -10.02 3.39
C VAL A 611 -13.79 -10.35 3.87
N ARG A 612 -13.66 -11.32 4.76
CA ARG A 612 -12.36 -11.65 5.34
C ARG A 612 -11.69 -12.78 4.57
N ARG A 613 -10.37 -12.71 4.47
CA ARG A 613 -9.67 -13.79 3.75
C ARG A 613 -9.38 -15.01 4.62
N ASP A 614 -9.39 -14.83 5.94
CA ASP A 614 -9.17 -15.94 6.87
C ASP A 614 -10.43 -16.76 7.16
N TRP A 615 -11.42 -16.66 6.29
CA TRP A 615 -12.60 -17.52 6.35
C TRP A 615 -12.75 -18.25 5.02
N SER A 616 -12.97 -19.57 5.07
CA SER A 616 -13.12 -20.40 3.87
C SER A 616 -14.24 -19.88 2.97
N GLU A 617 -14.15 -20.16 1.67
CA GLU A 617 -15.16 -19.68 0.72
C GLU A 617 -16.54 -20.30 0.94
N ILE A 618 -16.57 -21.52 1.48
CA ILE A 618 -17.84 -22.15 1.82
C ILE A 618 -18.56 -21.46 2.98
N ALA A 619 -17.81 -20.93 3.93
CA ALA A 619 -18.41 -20.25 5.06
C ALA A 619 -18.83 -18.85 4.62
N LYS A 620 -18.09 -18.29 3.68
CA LYS A 620 -18.39 -16.94 3.21
C LYS A 620 -19.57 -16.92 2.25
N GLU A 621 -19.56 -17.81 1.26
CA GLU A 621 -20.63 -17.86 0.27
C GLU A 621 -21.94 -18.22 0.94
N THR A 622 -21.89 -19.12 1.92
CA THR A 622 -23.10 -19.54 2.61
C THR A 622 -23.64 -18.39 3.44
N GLN A 623 -22.73 -17.67 4.12
CA GLN A 623 -23.14 -16.52 4.92
C GLN A 623 -23.73 -15.44 4.01
N ALA A 624 -23.26 -15.40 2.77
CA ALA A 624 -23.85 -14.54 1.75
C ALA A 624 -25.26 -15.01 1.37
N ARG A 625 -25.40 -16.31 1.10
CA ARG A 625 -26.71 -16.87 0.78
C ARG A 625 -27.73 -16.55 1.89
N VAL A 626 -27.28 -16.64 3.14
CA VAL A 626 -28.13 -16.37 4.30
C VAL A 626 -28.49 -14.89 4.33
N LEU A 627 -27.53 -14.02 4.05
CA LEU A 627 -27.80 -12.59 4.04
C LEU A 627 -28.68 -12.20 2.86
N GLU A 628 -28.52 -12.87 1.73
CA GLU A 628 -29.29 -12.51 0.56
C GLU A 628 -30.75 -12.85 0.82
N ALA A 629 -30.98 -13.98 1.47
CA ALA A 629 -32.34 -14.43 1.73
C ALA A 629 -33.06 -13.47 2.66
N ILE A 630 -32.33 -12.85 3.57
CA ILE A 630 -32.91 -12.05 4.62
C ILE A 630 -33.05 -10.58 4.19
N LEU A 631 -32.20 -10.16 3.26
CA LEU A 631 -32.20 -8.80 2.76
C LEU A 631 -33.11 -8.63 1.54
N LYS A 632 -32.89 -9.47 0.52
CA LYS A 632 -33.67 -9.41 -0.73
C LYS A 632 -35.15 -9.67 -0.45
N HIS A 633 -35.40 -10.66 0.37
CA HIS A 633 -36.76 -10.96 0.81
C HIS A 633 -36.73 -11.04 2.32
N GLY A 634 -37.85 -11.37 2.96
CA GLY A 634 -37.85 -11.42 4.41
C GLY A 634 -37.70 -12.83 4.95
N ASP A 635 -37.14 -13.73 4.15
CA ASP A 635 -37.20 -15.15 4.46
C ASP A 635 -36.06 -15.67 5.32
N VAL A 636 -36.33 -15.82 6.62
CA VAL A 636 -35.40 -16.44 7.55
C VAL A 636 -35.37 -17.96 7.36
N GLU A 637 -36.56 -18.55 7.29
CA GLU A 637 -36.70 -20.00 7.14
C GLU A 637 -36.03 -20.54 5.88
N GLU A 638 -35.89 -19.69 4.87
CA GLU A 638 -35.12 -20.02 3.68
C GLU A 638 -33.63 -20.13 4.02
N ALA A 639 -33.12 -19.14 4.74
CA ALA A 639 -31.73 -19.14 5.13
C ALA A 639 -31.37 -20.41 5.91
N VAL A 640 -32.29 -20.88 6.74
CA VAL A 640 -32.03 -22.06 7.54
C VAL A 640 -31.92 -23.28 6.64
N ARG A 641 -32.80 -23.35 5.64
CA ARG A 641 -32.79 -24.44 4.68
C ARG A 641 -31.50 -24.39 3.89
N ILE A 642 -31.05 -23.18 3.58
CA ILE A 642 -29.76 -22.96 2.93
C ILE A 642 -28.63 -23.60 3.74
N VAL A 643 -28.59 -23.29 5.03
CA VAL A 643 -27.57 -23.84 5.93
C VAL A 643 -27.71 -25.36 6.07
N LYS A 644 -28.92 -25.86 5.96
CA LYS A 644 -29.17 -27.29 6.13
C LYS A 644 -28.46 -28.11 5.05
N GLU A 645 -28.63 -27.71 3.80
CA GLU A 645 -28.10 -28.48 2.67
C GLU A 645 -26.61 -28.27 2.49
N VAL A 646 -26.09 -27.18 3.04
CA VAL A 646 -24.66 -26.92 2.99
C VAL A 646 -23.90 -27.78 4.01
N THR A 647 -24.38 -27.79 5.24
CA THR A 647 -23.81 -28.67 6.26
C THR A 647 -24.01 -30.15 5.92
N GLU A 648 -25.04 -30.44 5.12
CA GLU A 648 -25.31 -31.80 4.71
C GLU A 648 -24.37 -32.21 3.60
N LYS A 649 -24.07 -31.26 2.72
CA LYS A 649 -23.12 -31.51 1.63
C LYS A 649 -21.73 -31.74 2.22
N LEU A 650 -21.33 -30.83 3.10
CA LEU A 650 -20.03 -30.88 3.76
C LEU A 650 -19.78 -32.20 4.48
N SER A 651 -20.80 -32.70 5.17
CA SER A 651 -20.64 -33.90 5.99
C SER A 651 -20.44 -35.14 5.13
N LYS A 652 -20.87 -35.05 3.87
CA LYS A 652 -20.77 -36.17 2.93
C LYS A 652 -19.65 -35.99 1.91
N TYR A 653 -18.79 -35.00 2.13
CA TYR A 653 -17.59 -34.78 1.30
C TYR A 653 -17.90 -34.57 -0.19
N GLU A 654 -18.70 -33.55 -0.48
CA GLU A 654 -19.09 -33.24 -1.86
C GLU A 654 -18.81 -31.78 -2.25
N VAL A 655 -18.31 -31.00 -1.28
CA VAL A 655 -17.89 -29.63 -1.54
C VAL A 655 -16.44 -29.63 -2.05
N PRO A 656 -16.20 -29.02 -3.22
CA PRO A 656 -14.88 -29.03 -3.84
C PRO A 656 -13.83 -28.40 -2.94
N PRO A 657 -12.55 -28.81 -3.08
CA PRO A 657 -11.44 -28.26 -2.29
C PRO A 657 -11.33 -26.74 -2.38
N GLU A 658 -11.67 -26.20 -3.55
CA GLU A 658 -11.57 -24.76 -3.80
C GLU A 658 -12.27 -23.91 -2.75
N LYS A 659 -13.33 -24.43 -2.15
CA LYS A 659 -14.14 -23.66 -1.22
C LYS A 659 -13.73 -23.87 0.24
N LEU A 660 -12.67 -24.62 0.45
CA LEU A 660 -12.19 -24.93 1.81
C LEU A 660 -10.89 -24.21 2.18
N VAL A 661 -10.38 -23.40 1.27
CA VAL A 661 -9.07 -22.82 1.51
C VAL A 661 -9.23 -21.63 2.45
N ILE A 662 -8.33 -21.54 3.43
CA ILE A 662 -8.28 -20.43 4.38
C ILE A 662 -6.99 -19.65 4.15
N HIS A 663 -7.07 -18.32 4.13
CA HIS A 663 -5.89 -17.51 3.83
C HIS A 663 -5.49 -16.66 5.01
N GLU A 664 -4.25 -16.79 5.46
CA GLU A 664 -3.75 -15.97 6.56
C GLU A 664 -2.30 -15.53 6.34
N GLN A 665 -2.05 -14.25 6.59
CA GLN A 665 -0.76 -13.63 6.30
C GLN A 665 0.30 -13.88 7.40
N ILE A 666 1.53 -14.11 6.99
CA ILE A 666 2.68 -14.14 7.89
C ILE A 666 3.12 -12.69 8.10
N THR A 667 3.27 -12.27 9.35
CA THR A 667 3.51 -10.86 9.61
C THR A 667 4.89 -10.59 10.17
N ARG A 668 5.68 -11.65 10.35
CA ARG A 668 6.99 -11.51 10.94
C ARG A 668 7.82 -12.75 10.63
N ASP A 669 9.13 -12.68 10.91
CA ASP A 669 10.00 -13.85 10.75
C ASP A 669 9.45 -14.96 11.62
N LEU A 670 9.51 -16.19 11.12
CA LEU A 670 8.87 -17.30 11.80
C LEU A 670 9.44 -17.56 13.18
N ARG A 671 10.69 -17.14 13.40
CA ARG A 671 11.32 -17.35 14.70
C ARG A 671 10.68 -16.47 15.76
N ASP A 672 10.13 -15.33 15.35
CA ASP A 672 9.60 -14.35 16.28
C ASP A 672 8.20 -14.68 16.79
N TYR A 673 7.53 -15.63 16.13
CA TYR A 673 6.22 -16.07 16.60
C TYR A 673 6.35 -16.75 17.95
N LYS A 674 5.36 -16.56 18.81
CA LYS A 674 5.38 -17.12 20.16
C LYS A 674 4.19 -18.04 20.38
N ALA A 675 3.22 -17.95 19.47
CA ALA A 675 2.07 -18.84 19.47
C ALA A 675 1.85 -19.33 18.05
N THR A 676 1.80 -20.65 17.88
CA THR A 676 1.78 -21.25 16.56
C THR A 676 0.41 -21.77 16.12
N GLY A 677 -0.44 -20.87 15.64
CA GLY A 677 -1.69 -21.26 15.01
C GLY A 677 -1.41 -21.99 13.71
N PRO A 678 -2.44 -22.60 13.11
CA PRO A 678 -2.31 -23.41 11.89
C PRO A 678 -1.54 -22.73 10.75
N HIS A 679 -1.78 -21.45 10.50
CA HIS A 679 -1.09 -20.79 9.39
C HIS A 679 0.42 -20.69 9.63
N VAL A 680 0.83 -20.54 10.89
CA VAL A 680 2.25 -20.57 11.24
C VAL A 680 2.80 -22.00 11.18
N ALA A 681 1.94 -22.96 11.55
CA ALA A 681 2.30 -24.37 11.57
C ALA A 681 2.56 -24.88 10.16
N VAL A 682 1.71 -24.44 9.22
CA VAL A 682 1.92 -24.77 7.82
C VAL A 682 3.16 -24.06 7.30
N ALA A 683 3.24 -22.75 7.55
CA ALA A 683 4.37 -21.95 7.10
C ALA A 683 5.71 -22.49 7.60
N LYS A 684 5.73 -23.01 8.83
CA LYS A 684 6.97 -23.51 9.39
C LYS A 684 7.41 -24.79 8.70
N ARG A 685 6.45 -25.58 8.26
CA ARG A 685 6.79 -26.80 7.54
C ARG A 685 7.30 -26.50 6.14
N LEU A 686 6.66 -25.55 5.47
CA LEU A 686 7.09 -25.07 4.16
C LEU A 686 8.54 -24.61 4.22
N ALA A 687 8.85 -23.75 5.19
CA ALA A 687 10.19 -23.22 5.38
C ALA A 687 11.22 -24.33 5.63
N ALA A 688 10.77 -25.41 6.28
CA ALA A 688 11.63 -26.57 6.55
C ALA A 688 12.02 -27.31 5.27
N ARG A 689 11.11 -27.35 4.31
CA ARG A 689 11.38 -27.94 3.00
C ARG A 689 12.43 -27.13 2.25
N GLY A 690 12.36 -25.82 2.35
CA GLY A 690 13.26 -24.95 1.60
C GLY A 690 12.50 -23.87 0.88
N VAL A 691 11.23 -23.70 1.24
CA VAL A 691 10.39 -22.62 0.70
C VAL A 691 10.66 -21.31 1.42
N LYS A 692 10.99 -20.27 0.67
CA LYS A 692 11.21 -18.95 1.26
C LYS A 692 9.92 -18.37 1.86
N ILE A 693 9.95 -18.09 3.17
CA ILE A 693 8.83 -17.43 3.83
C ILE A 693 9.25 -16.08 4.38
N ARG A 694 8.56 -15.03 3.95
CA ARG A 694 8.89 -13.68 4.38
C ARG A 694 7.65 -13.07 4.99
N PRO A 695 7.83 -12.08 5.87
CA PRO A 695 6.67 -11.33 6.35
C PRO A 695 5.92 -10.75 5.16
N GLY A 696 4.60 -10.91 5.16
CA GLY A 696 3.76 -10.54 4.04
C GLY A 696 3.25 -11.73 3.24
N THR A 697 3.95 -12.86 3.32
CA THR A 697 3.55 -14.10 2.64
C THR A 697 2.16 -14.53 3.10
N VAL A 698 1.28 -14.88 2.16
CA VAL A 698 -0.02 -15.39 2.54
C VAL A 698 -0.07 -16.93 2.45
N ILE A 699 -0.38 -17.55 3.58
CA ILE A 699 -0.45 -19.00 3.67
C ILE A 699 -1.87 -19.44 3.32
N SER A 700 -1.99 -20.35 2.34
CA SER A 700 -3.27 -20.93 1.97
C SER A 700 -3.28 -22.41 2.40
N TYR A 701 -4.12 -22.74 3.38
CA TYR A 701 -4.11 -24.10 3.94
C TYR A 701 -5.50 -24.70 3.99
N ILE A 702 -5.56 -26.02 3.95
CA ILE A 702 -6.81 -26.74 4.11
C ILE A 702 -6.73 -27.66 5.33
N VAL A 703 -7.86 -27.88 6.00
CA VAL A 703 -7.88 -28.67 7.23
C VAL A 703 -8.36 -30.09 6.97
N LEU A 704 -7.45 -31.06 7.08
CA LEU A 704 -7.79 -32.46 6.83
C LEU A 704 -8.43 -33.14 8.03
N LYS A 705 -9.15 -34.22 7.76
CA LYS A 705 -9.80 -35.03 8.79
C LYS A 705 -8.75 -35.61 9.74
N GLY A 706 -9.16 -35.86 10.98
CA GLY A 706 -8.24 -36.26 12.02
C GLY A 706 -8.20 -35.08 12.96
N SER A 707 -8.24 -35.32 14.27
CA SER A 707 -8.49 -34.23 15.22
C SER A 707 -7.43 -33.92 16.28
N GLY A 708 -7.80 -33.03 17.21
CA GLY A 708 -6.86 -32.44 18.15
C GLY A 708 -6.52 -30.99 17.82
N ARG A 709 -5.22 -30.68 17.85
CA ARG A 709 -4.73 -29.34 17.55
C ARG A 709 -4.77 -29.07 16.05
N ILE A 710 -5.41 -27.98 15.64
CA ILE A 710 -5.70 -27.71 14.23
C ILE A 710 -4.47 -27.66 13.32
N GLY A 711 -3.38 -27.08 13.82
CA GLY A 711 -2.20 -26.86 13.00
C GLY A 711 -1.56 -28.13 12.49
N ASP A 712 -1.82 -29.22 13.20
CA ASP A 712 -1.31 -30.53 12.79
C ASP A 712 -1.96 -31.06 11.52
N ARG A 713 -3.28 -30.92 11.41
CA ARG A 713 -4.03 -31.50 10.30
C ARG A 713 -4.20 -30.54 9.12
N ALA A 714 -3.48 -29.42 9.16
CA ALA A 714 -3.54 -28.42 8.09
C ALA A 714 -2.45 -28.66 7.04
N ILE A 715 -2.83 -28.61 5.76
CA ILE A 715 -1.86 -28.72 4.67
C ILE A 715 -2.05 -27.55 3.71
N PRO A 716 -0.98 -27.16 3.01
CA PRO A 716 -1.07 -26.11 1.99
C PRO A 716 -2.12 -26.46 0.94
N ALA A 717 -2.88 -25.47 0.49
CA ALA A 717 -4.07 -25.72 -0.31
C ALA A 717 -3.73 -26.37 -1.63
N ASP A 718 -2.51 -26.10 -2.11
CA ASP A 718 -2.03 -26.66 -3.36
C ASP A 718 -1.83 -28.17 -3.26
N GLU A 719 -1.35 -28.63 -2.13
CA GLU A 719 -1.01 -30.04 -1.95
C GLU A 719 -2.22 -30.89 -1.59
N PHE A 720 -3.42 -30.36 -1.74
CA PHE A 720 -4.62 -31.13 -1.43
C PHE A 720 -5.05 -31.96 -2.65
N ASP A 721 -5.17 -33.27 -2.47
CA ASP A 721 -5.65 -34.13 -3.52
C ASP A 721 -6.63 -35.15 -2.97
N PRO A 722 -7.89 -35.10 -3.41
CA PRO A 722 -8.97 -36.00 -2.96
C PRO A 722 -8.65 -37.50 -3.07
N THR A 723 -7.76 -37.85 -3.98
CA THR A 723 -7.32 -39.24 -4.12
C THR A 723 -6.50 -39.67 -2.89
N LYS A 724 -5.99 -38.70 -2.15
CA LYS A 724 -5.14 -38.97 -1.00
C LYS A 724 -5.74 -38.45 0.31
N HIS A 725 -6.47 -37.35 0.22
CA HIS A 725 -6.92 -36.64 1.41
C HIS A 725 -8.43 -36.59 1.55
N ARG A 726 -8.88 -36.53 2.80
CA ARG A 726 -10.26 -36.30 3.14
C ARG A 726 -10.25 -35.06 3.99
N TYR A 727 -11.09 -34.09 3.68
CA TYR A 727 -11.06 -32.88 4.50
C TYR A 727 -11.81 -33.09 5.81
N ASP A 728 -11.58 -32.18 6.76
CA ASP A 728 -12.20 -32.27 8.08
C ASP A 728 -13.60 -31.68 8.06
N ALA A 729 -14.57 -32.52 7.70
CA ALA A 729 -15.95 -32.09 7.58
C ALA A 729 -16.43 -31.48 8.88
N GLU A 730 -15.97 -32.03 9.99
CA GLU A 730 -16.35 -31.53 11.31
C GLU A 730 -15.83 -30.11 11.54
N TYR A 731 -14.61 -29.84 11.11
CA TYR A 731 -14.03 -28.51 11.25
C TYR A 731 -14.76 -27.49 10.39
N TYR A 732 -15.06 -27.85 9.15
CA TYR A 732 -15.69 -26.91 8.23
C TYR A 732 -17.17 -26.71 8.53
N ILE A 733 -17.77 -27.65 9.26
CA ILE A 733 -19.13 -27.45 9.72
C ILE A 733 -19.14 -26.68 11.04
N GLU A 734 -18.38 -27.18 12.02
CA GLU A 734 -18.40 -26.59 13.36
C GLU A 734 -17.52 -25.35 13.57
N ASN A 735 -16.47 -25.18 12.76
CA ASN A 735 -15.56 -24.06 12.95
C ASN A 735 -15.64 -23.04 11.83
N GLN A 736 -16.31 -23.39 10.73
CA GLN A 736 -16.45 -22.46 9.60
C GLN A 736 -17.89 -22.02 9.33
N VAL A 737 -18.68 -22.91 8.74
CA VAL A 737 -20.06 -22.58 8.36
C VAL A 737 -20.97 -22.21 9.54
N LEU A 738 -21.14 -23.12 10.50
CA LEU A 738 -22.05 -22.89 11.62
C LEU A 738 -21.75 -21.61 12.43
N PRO A 739 -20.47 -21.37 12.79
CA PRO A 739 -20.22 -20.10 13.47
C PRO A 739 -20.49 -18.88 12.61
N ALA A 740 -20.19 -18.98 11.32
CA ALA A 740 -20.39 -17.82 10.43
C ALA A 740 -21.87 -17.51 10.24
N VAL A 741 -22.70 -18.53 10.07
CA VAL A 741 -24.12 -18.28 9.84
C VAL A 741 -24.87 -18.06 11.16
N GLU A 742 -24.20 -18.36 12.28
CA GLU A 742 -24.80 -18.19 13.60
C GLU A 742 -24.92 -16.72 13.94
N ARG A 743 -23.89 -15.95 13.62
CA ARG A 743 -23.89 -14.51 13.85
C ARG A 743 -25.22 -13.90 13.47
N ILE A 744 -25.66 -14.25 12.27
CA ILE A 744 -26.90 -13.76 11.72
C ILE A 744 -28.10 -14.45 12.36
N LEU A 745 -28.11 -15.77 12.28
CA LEU A 745 -29.30 -16.52 12.67
C LEU A 745 -29.57 -16.61 14.18
N LYS A 746 -28.58 -16.31 15.01
CA LYS A 746 -28.81 -16.25 16.45
C LYS A 746 -29.68 -15.05 16.80
N ALA A 747 -29.67 -14.04 15.93
CA ALA A 747 -30.53 -12.88 16.13
C ALA A 747 -32.00 -13.27 16.06
N PHE A 748 -32.29 -14.38 15.36
CA PHE A 748 -33.66 -14.85 15.21
C PHE A 748 -33.97 -16.09 16.04
N GLY A 749 -33.10 -16.39 17.00
CA GLY A 749 -33.38 -17.43 17.98
C GLY A 749 -32.84 -18.82 17.66
N TYR A 750 -32.10 -18.94 16.57
CA TYR A 750 -31.53 -20.24 16.19
C TYR A 750 -30.16 -20.48 16.85
N ARG A 751 -30.01 -21.63 17.50
CA ARG A 751 -28.70 -22.05 18.00
C ARG A 751 -27.99 -23.04 17.07
N LYS A 752 -26.71 -23.28 17.33
CA LYS A 752 -25.87 -24.12 16.48
C LYS A 752 -26.47 -25.51 16.25
N GLU A 753 -27.15 -26.04 17.26
CA GLU A 753 -27.61 -27.42 17.23
C GLU A 753 -28.74 -27.68 16.20
N ASP A 754 -29.72 -26.79 16.14
CA ASP A 754 -30.88 -27.01 15.27
C ASP A 754 -30.62 -26.64 13.80
N LEU A 755 -29.35 -26.43 13.46
CA LEU A 755 -28.97 -26.06 12.11
C LEU A 755 -28.14 -27.15 11.46
N ARG A 756 -27.76 -28.14 12.26
CA ARG A 756 -26.85 -29.19 11.78
C ARG A 756 -27.57 -30.27 10.99
N TYR A 757 -26.80 -31.25 10.54
CA TYR A 757 -27.36 -32.46 9.97
C TYR A 757 -27.35 -33.52 11.06
N GLN A 758 -26.17 -33.71 11.65
CA GLN A 758 -25.96 -34.66 12.75
C GLN A 758 -24.95 -34.06 13.73
N LYS A 759 -25.23 -34.10 15.03
CA LYS A 759 -26.43 -34.73 15.60
C LYS A 759 -27.71 -33.91 15.41
N1 DOC C 12 -12.20 3.27 9.23
C2 DOC C 12 -10.90 3.38 9.86
N3 DOC C 12 -9.71 2.77 9.28
C4 DOC C 12 -9.79 2.10 8.17
C5 DOC C 12 -11.14 1.96 7.46
C6 DOC C 12 -12.29 2.55 8.01
O2 DOC C 12 -10.74 4.07 11.01
N4 DOC C 12 -8.58 1.51 7.66
C1' DOC C 12 -13.38 3.86 9.84
C2' DOC C 12 -13.50 5.31 9.38
C3' DOC C 12 -14.57 5.22 8.31
C4' DOC C 12 -15.45 4.19 8.97
O4' DOC C 12 -14.58 3.24 9.56
C5' DOC C 12 -16.32 3.56 8.01
O5' DOC C 12 -16.89 2.38 8.57
P DOC C 12 -17.67 1.37 7.64
OP1 DOC C 12 -19.13 1.39 7.98
OP2 DOC C 12 -17.46 1.58 6.09
S SO4 D . -14.91 13.84 -2.32
O1 SO4 D . -16.17 14.22 -1.70
O2 SO4 D . -13.88 13.98 -1.30
O3 SO4 D . -15.01 12.44 -2.74
O4 SO4 D . -14.66 14.73 -3.46
S SO4 E . 29.29 17.66 -19.16
O1 SO4 E . 27.99 18.15 -18.70
O2 SO4 E . 30.24 18.76 -19.13
O3 SO4 E . 29.74 16.59 -18.28
O4 SO4 E . 29.17 17.14 -20.52
S SO4 F . -13.66 4.96 -6.01
O1 SO4 F . -14.42 6.17 -5.70
O2 SO4 F . -12.28 5.33 -6.31
O3 SO4 F . -13.64 4.05 -4.86
O4 SO4 F . -14.26 4.27 -7.15
S SO4 G . 4.57 26.24 -1.04
O1 SO4 G . 4.74 25.24 0.01
O2 SO4 G . 3.36 27.02 -0.78
O3 SO4 G . 5.72 27.14 -0.98
O4 SO4 G . 4.44 25.62 -2.36
S SO4 H . -22.76 3.65 22.92
O1 SO4 H . -21.86 4.76 23.22
O2 SO4 H . -22.21 2.81 21.85
O3 SO4 H . -22.92 2.79 24.09
O4 SO4 H . -24.05 4.21 22.49
S SO4 I . 2.60 19.15 -16.00
O1 SO4 I . 1.26 19.66 -15.73
O2 SO4 I . 2.98 19.49 -17.37
O3 SO4 I . 3.55 19.73 -15.06
O4 SO4 I . 2.60 17.69 -15.81
S SO4 J . 21.97 6.94 6.22
O1 SO4 J . 23.19 7.46 6.82
O2 SO4 J . 21.38 7.96 5.34
O3 SO4 J . 22.33 5.78 5.42
O4 SO4 J . 21.00 6.55 7.25
S SO4 K . 4.97 0.30 -25.51
O1 SO4 K . 4.18 0.45 -24.30
O2 SO4 K . 6.37 0.16 -25.13
O3 SO4 K . 4.54 -0.87 -26.28
O4 SO4 K . 4.85 1.48 -26.36
S SO4 L . 3.90 -22.33 -8.28
O1 SO4 L . 4.84 -22.80 -7.25
O2 SO4 L . 3.69 -23.38 -9.26
O3 SO4 L . 2.61 -22.01 -7.66
O4 SO4 L . 4.44 -21.12 -8.92
CL CL M . 14.73 17.13 15.69
S SO4 N . -13.16 9.90 2.83
O1 SO4 N . -14.40 10.47 2.31
O2 SO4 N . -13.47 8.85 3.79
O3 SO4 N . -12.46 9.32 1.70
O4 SO4 N . -12.34 10.94 3.46
S SO4 O . 23.77 9.05 -0.41
O1 SO4 O . 24.09 10.34 0.20
O2 SO4 O . 25.04 8.38 -0.68
O3 SO4 O . 22.94 8.28 0.53
O4 SO4 O . 23.07 9.19 -1.70
N1 5CY P . -8.43 -0.15 -10.50
N1 5CY P . -8.44 0.09 -10.63
C1 5CY P . -12.23 -1.77 -18.94
C1 5CY P . -1.66 5.61 -5.94
O1 5CY P . -9.71 -0.96 -6.94
O1 5CY P . -9.71 -0.96 -6.96
C10 5CY P . -8.50 -0.25 -11.85
C10 5CY P . -7.31 0.86 -10.53
C11 5CY P . -9.38 -0.81 -9.60
C11 5CY P . -9.26 -0.29 -9.47
C12 5CY P . -8.79 -1.99 -8.86
C12 5CY P . -9.21 -1.77 -9.14
C13 5CY P . -9.57 -2.20 -7.62
C13 5CY P . -9.98 -2.01 -7.86
C14 5CY P . -7.34 0.64 -10.10
C14 5CY P . -8.70 -0.27 -11.95
C15 5CY P . -6.90 0.96 -8.82
C15 5CY P . -9.74 -1.03 -12.48
C16 5CY P . -5.80 1.78 -8.69
C16 5CY P . -9.79 -1.21 -13.85
C17 5CY P . -5.16 2.30 -9.81
C17 5CY P . -8.85 -0.64 -14.68
C18 5CY P . -5.61 1.97 -11.09
C18 5CY P . -7.81 0.11 -14.15
C19 5CY P . -6.70 1.13 -11.23
C19 5CY P . -7.73 0.29 -12.78
O2 5CY P . -16.59 -3.89 -13.45
O2 5CY P . -5.68 1.03 -0.89
C2 5CY P . -12.16 -3.29 -18.65
C2 5CY P . -1.78 4.27 -5.20
N2 5CY P . -13.58 -4.52 -17.25
N2 5CY P . -3.50 4.00 -3.64
C20 5CY P . -7.37 0.58 -12.47
C20 5CY P . -6.72 1.04 -11.93
C21 5CY P . -7.91 1.72 -13.35
C21 5CY P . -5.33 0.38 -12.06
C22 5CY P . -6.39 -0.31 -13.26
C22 5CY P . -6.66 2.52 -12.34
C23 5CY P . -14.24 -5.13 -16.08
C23 5CY P . -4.81 3.77 -3.00
C24 5CY P . -15.30 -4.22 -15.49
C24 5CY P . -5.15 2.31 -2.76
C25 5CY P . -15.78 -4.79 -14.17
C25 5CY P . -4.66 1.84 -1.43
C26 5CY P . -14.00 -4.76 -18.57
C26 5CY P . -2.33 4.20 -2.90
C27 5CY P . -15.04 -5.57 -19.00
C27 5CY P . -2.15 4.19 -1.52
C28 5CY P . -15.33 -5.58 -20.36
C28 5CY P . -0.87 4.38 -1.04
C29 5CY P . -14.57 -4.81 -21.24
C29 5CY P . 0.19 4.60 -1.92
C3 5CY P . -10.78 -3.84 -18.99
C3 5CY P . -1.01 3.15 -5.94
C30 5CY P . -13.51 -4.03 -20.79
C30 5CY P . -0.01 4.60 -3.28
C31 5CY P . -13.23 -4.01 -19.43
C31 5CY P . -1.28 4.39 -3.78
C4 5CY P . -12.56 -3.63 -17.21
C4 5CY P . -3.25 3.89 -4.96
C5 5CY P . -12.03 -3.19 -15.97
C5 5CY P . -4.21 3.34 -5.85
C6 5CY P . -11.02 -2.36 -15.67
C6 5CY P . -4.23 3.01 -7.15
C7 5CY P . -10.67 -2.04 -14.32
C7 5CY P . -5.37 2.36 -7.72
C8 5CY P . -9.67 -1.24 -13.88
C8 5CY P . -5.61 1.99 -8.99
C9 5CY P . -9.46 -1.02 -12.48
C9 5CY P . -6.84 1.31 -9.32
C1 EDO Q . 10.69 -1.25 8.06
O1 EDO Q . 9.98 -1.74 6.92
C2 EDO Q . 11.16 0.17 7.82
O2 EDO Q . 11.86 0.60 9.00
#